data_1XTB
#
_entry.id   1XTB
#
_cell.length_a   82.77
_cell.length_b   115.19
_cell.length_c   271.79
_cell.angle_alpha   90.00
_cell.angle_beta   90.00
_cell.angle_gamma   90.00
#
_symmetry.space_group_name_H-M   'C 2 2 21'
#
loop_
_entity.id
_entity.type
_entity.pdbx_description
1 polymer 'phosphoglucose isomerase'
2 non-polymer D-SORBITOL-6-PHOSPHATE
3 water water
#
_entity_poly.entity_id   1
_entity_poly.type   'polypeptide(L)'
_entity_poly.pdbx_seq_one_letter_code
;MAALTRNPQFQKLQQWHREHGSELNLRHLFDTDKERFNHFSLTLNTNHGHILLDYSKNLVTEEVMHMLLDLAKSRGVEAA
RESMFNGEKINSTEDRAVLHVALRNRSNTPIVVDGKDVMPEVNKVLDKMKAFCQRVRSGDWKGYTGKTITDVINIGIGGS
DLGPLMVTEALKPYSSGGPRVWFVSNIDGTHIAKTLACLNPESSLFIIASKTFTTQETITNAKTAKDWFLLSAKDPSTVA
KHFVALSTNTAKVKEFGIDPQNMFEFWDWVGGRYSLWSAIGLSIALHVGFDNFEQLLSGAHWMDQHFRTTPLEKNAPVLL
AMLGIWYINCFGCETQAVLPYDQYLHRFAAYFQQGDMESNGKYITKSGARVDHQTGPIVWGEPGTNGQHAFYQLIHQGTK
MIPCDFLIPVQTQHPIRKGLHHKILLANFLAQTEALMKGKSTEEARKELQAAGKSPEDLMKLLPHKVFEGNRPTNSIVFT
KLTPFILGALIAMYEHKIFVQGVVWDINSFDQWGVELGKQLAKKIEPELDGSSPVTSHDSSTNGLINFIKQQREAKIQ
;
_entity_poly.pdbx_strand_id   A,B
#
# COMPACT_ATOMS: atom_id res chain seq x y z
N ALA A 2 -1.30 28.13 13.28
CA ALA A 2 -1.22 29.62 13.20
C ALA A 2 0.23 30.08 13.28
N ALA A 3 1.00 29.46 14.16
CA ALA A 3 2.40 29.83 14.35
C ALA A 3 3.23 29.86 13.07
N LEU A 4 3.33 28.72 12.39
CA LEU A 4 4.12 28.60 11.16
C LEU A 4 3.89 29.74 10.16
N THR A 5 2.64 29.99 9.80
CA THR A 5 2.32 31.03 8.83
C THR A 5 2.71 32.44 9.28
N ARG A 6 2.99 32.60 10.57
CA ARG A 6 3.38 33.91 11.09
C ARG A 6 4.90 34.04 11.10
N ASN A 7 5.58 32.89 11.09
CA ASN A 7 7.04 32.85 11.10
C ASN A 7 7.65 33.54 9.88
N PRO A 8 8.55 34.51 10.10
CA PRO A 8 9.21 35.26 9.02
C PRO A 8 10.09 34.40 8.13
N GLN A 9 10.73 33.39 8.70
CA GLN A 9 11.57 32.49 7.90
C GLN A 9 10.65 31.73 6.95
N PHE A 10 9.46 31.38 7.41
CA PHE A 10 8.51 30.66 6.57
C PHE A 10 8.03 31.55 5.43
N GLN A 11 7.67 32.78 5.77
CA GLN A 11 7.19 33.74 4.77
C GLN A 11 8.25 34.02 3.71
N LYS A 12 9.50 34.16 4.15
CA LYS A 12 10.61 34.42 3.24
C LYS A 12 10.74 33.26 2.26
N LEU A 13 10.64 32.04 2.79
CA LEU A 13 10.75 30.82 2.02
C LEU A 13 9.63 30.73 1.00
N GLN A 14 8.41 31.04 1.43
CA GLN A 14 7.26 30.98 0.51
C GLN A 14 7.33 32.06 -0.57
N GLN A 15 7.74 33.28 -0.23
CA GLN A 15 7.84 34.35 -1.20
C GLN A 15 8.87 33.97 -2.26
N TRP A 16 9.98 33.38 -1.81
CA TRP A 16 11.03 32.99 -2.72
C TRP A 16 10.46 31.97 -3.71
N HIS A 17 9.68 31.01 -3.20
CA HIS A 17 9.08 29.98 -4.03
C HIS A 17 8.15 30.56 -5.10
N ARG A 18 7.34 31.54 -4.71
CA ARG A 18 6.42 32.16 -5.67
C ARG A 18 7.20 32.82 -6.80
N GLU A 19 8.39 33.32 -6.48
CA GLU A 19 9.22 34.01 -7.45
C GLU A 19 10.14 33.13 -8.29
N HIS A 20 10.71 32.08 -7.69
CA HIS A 20 11.64 31.23 -8.42
C HIS A 20 11.31 29.73 -8.43
N GLY A 21 10.27 29.34 -7.72
CA GLY A 21 9.89 27.94 -7.66
C GLY A 21 9.82 27.19 -8.98
N SER A 22 9.11 27.75 -9.95
CA SER A 22 8.95 27.13 -11.25
C SER A 22 10.24 27.14 -12.09
N GLU A 23 11.17 28.02 -11.72
CA GLU A 23 12.42 28.13 -12.45
C GLU A 23 13.29 26.87 -12.29
N LEU A 24 13.41 26.41 -11.06
CA LEU A 24 14.22 25.24 -10.74
C LEU A 24 14.04 24.06 -11.69
N ASN A 25 15.15 23.57 -12.22
CA ASN A 25 15.15 22.44 -13.14
C ASN A 25 16.36 21.56 -12.84
N LEU A 26 16.09 20.37 -12.31
CA LEU A 26 17.15 19.43 -11.93
C LEU A 26 18.21 19.22 -12.99
N ARG A 27 17.80 18.98 -14.23
CA ARG A 27 18.76 18.74 -15.30
C ARG A 27 19.71 19.93 -15.43
N HIS A 28 19.15 21.14 -15.35
CA HIS A 28 19.96 22.35 -15.46
C HIS A 28 20.91 22.51 -14.27
N LEU A 29 20.44 22.17 -13.07
CA LEU A 29 21.26 22.28 -11.88
C LEU A 29 22.48 21.37 -11.93
N PHE A 30 22.31 20.12 -12.36
CA PHE A 30 23.45 19.21 -12.44
C PHE A 30 24.41 19.61 -13.56
N ASP A 31 23.86 20.02 -14.69
CA ASP A 31 24.66 20.41 -15.85
C ASP A 31 25.54 21.63 -15.57
N THR A 32 25.17 22.44 -14.58
CA THR A 32 25.93 23.65 -14.26
C THR A 32 26.67 23.62 -12.92
N ASP A 33 26.81 22.43 -12.33
CA ASP A 33 27.51 22.31 -11.05
C ASP A 33 27.97 20.87 -10.82
N LYS A 34 29.24 20.62 -11.16
CA LYS A 34 29.82 19.28 -11.02
C LYS A 34 29.91 18.81 -9.56
N GLU A 35 29.80 19.74 -8.62
CA GLU A 35 29.89 19.42 -7.20
C GLU A 35 28.51 19.21 -6.55
N ARG A 36 27.45 19.19 -7.34
CA ARG A 36 26.11 19.04 -6.77
C ARG A 36 25.99 17.82 -5.86
N PHE A 37 26.42 16.65 -6.34
CA PHE A 37 26.33 15.45 -5.51
C PHE A 37 27.12 15.67 -4.21
N ASN A 38 28.37 16.11 -4.34
CA ASN A 38 29.22 16.36 -3.17
C ASN A 38 28.58 17.32 -2.17
N HIS A 39 27.96 18.38 -2.69
CA HIS A 39 27.33 19.39 -1.85
C HIS A 39 25.94 19.06 -1.31
N PHE A 40 25.22 18.13 -1.94
CA PHE A 40 23.89 17.79 -1.47
C PHE A 40 23.71 16.32 -1.11
N SER A 41 24.63 15.80 -0.32
CA SER A 41 24.57 14.42 0.14
C SER A 41 25.42 14.26 1.38
N LEU A 42 25.14 13.21 2.15
CA LEU A 42 25.91 12.94 3.35
C LEU A 42 26.11 11.45 3.49
N THR A 43 27.31 11.06 3.93
CA THR A 43 27.63 9.67 4.14
C THR A 43 27.78 9.43 5.63
N LEU A 44 27.10 8.43 6.15
CA LEU A 44 27.17 8.14 7.57
C LEU A 44 27.84 6.80 7.86
N ASN A 45 28.90 6.85 8.66
CA ASN A 45 29.62 5.66 9.05
C ASN A 45 29.14 5.29 10.45
N THR A 46 28.40 4.19 10.56
CA THR A 46 27.88 3.76 11.85
C THR A 46 28.79 2.73 12.51
N ASN A 47 29.86 2.35 11.83
CA ASN A 47 30.82 1.34 12.30
C ASN A 47 30.24 -0.05 12.07
N HIS A 48 28.97 -0.10 11.66
CA HIS A 48 28.31 -1.37 11.40
C HIS A 48 27.66 -1.28 10.01
N GLY A 49 28.30 -0.48 9.16
CA GLY A 49 27.80 -0.27 7.81
C GLY A 49 27.64 1.22 7.55
N HIS A 50 27.68 1.62 6.29
CA HIS A 50 27.53 3.02 5.91
C HIS A 50 26.12 3.29 5.37
N ILE A 51 25.72 4.55 5.45
CA ILE A 51 24.42 4.97 4.94
C ILE A 51 24.63 6.24 4.13
N LEU A 52 24.34 6.16 2.85
CA LEU A 52 24.48 7.32 1.97
C LEU A 52 23.13 7.94 1.68
N LEU A 53 22.94 9.17 2.14
CA LEU A 53 21.70 9.90 1.89
C LEU A 53 22.03 10.94 0.83
N ASP A 54 21.59 10.65 -0.40
CA ASP A 54 21.81 11.54 -1.54
C ASP A 54 20.52 12.31 -1.79
N TYR A 55 20.51 13.59 -1.46
CA TYR A 55 19.32 14.40 -1.67
C TYR A 55 19.55 15.45 -2.75
N SER A 56 20.55 15.21 -3.60
CA SER A 56 20.90 16.13 -4.67
C SER A 56 19.89 16.22 -5.79
N LYS A 57 19.10 15.17 -6.01
CA LYS A 57 18.10 15.21 -7.07
C LYS A 57 16.82 15.85 -6.58
N ASN A 58 16.94 16.82 -5.68
CA ASN A 58 15.79 17.53 -5.14
C ASN A 58 15.81 18.95 -5.72
N LEU A 59 14.64 19.57 -5.81
CA LEU A 59 14.52 20.91 -6.36
C LEU A 59 14.97 21.97 -5.35
N VAL A 60 16.27 22.00 -5.06
CA VAL A 60 16.81 22.95 -4.13
C VAL A 60 18.19 23.45 -4.54
N THR A 61 18.53 24.65 -4.08
CA THR A 61 19.83 25.26 -4.35
C THR A 61 20.41 25.52 -2.98
N GLU A 62 21.66 25.94 -2.92
CA GLU A 62 22.28 26.22 -1.62
C GLU A 62 21.43 27.24 -0.87
N GLU A 63 20.88 28.21 -1.60
CA GLU A 63 20.05 29.23 -0.98
C GLU A 63 18.76 28.64 -0.39
N VAL A 64 18.14 27.72 -1.10
CA VAL A 64 16.91 27.10 -0.60
C VAL A 64 17.18 26.33 0.68
N MET A 65 18.28 25.58 0.69
CA MET A 65 18.63 24.80 1.88
C MET A 65 18.86 25.73 3.07
N HIS A 66 19.50 26.86 2.82
CA HIS A 66 19.77 27.81 3.90
C HIS A 66 18.48 28.30 4.54
N MET A 67 17.52 28.72 3.71
CA MET A 67 16.23 29.21 4.20
C MET A 67 15.46 28.12 4.95
N LEU A 68 15.60 26.88 4.49
CA LEU A 68 14.91 25.76 5.13
C LEU A 68 15.49 25.50 6.52
N LEU A 69 16.81 25.63 6.64
CA LEU A 69 17.47 25.41 7.93
C LEU A 69 17.19 26.57 8.87
N ASP A 70 17.13 27.79 8.32
CA ASP A 70 16.83 28.96 9.14
C ASP A 70 15.44 28.75 9.73
N LEU A 71 14.54 28.22 8.91
CA LEU A 71 13.17 27.97 9.35
C LEU A 71 13.15 26.95 10.48
N ALA A 72 13.85 25.84 10.29
CA ALA A 72 13.91 24.80 11.32
C ALA A 72 14.43 25.37 12.64
N LYS A 73 15.38 26.28 12.53
CA LYS A 73 15.99 26.92 13.68
C LYS A 73 14.99 27.83 14.40
N SER A 74 14.38 28.75 13.66
CA SER A 74 13.41 29.68 14.24
C SER A 74 12.16 28.98 14.76
N ARG A 75 11.93 27.73 14.34
CA ARG A 75 10.77 26.99 14.79
C ARG A 75 11.12 26.19 16.04
N GLY A 76 12.34 26.39 16.53
CA GLY A 76 12.80 25.71 17.73
C GLY A 76 12.98 24.21 17.68
N VAL A 77 13.41 23.69 16.55
CA VAL A 77 13.60 22.24 16.42
C VAL A 77 14.58 21.69 17.44
N GLU A 78 15.68 22.40 17.66
CA GLU A 78 16.68 21.95 18.60
C GLU A 78 16.17 21.89 20.04
N ALA A 79 15.53 22.96 20.50
CA ALA A 79 15.00 22.97 21.86
C ALA A 79 13.95 21.87 22.02
N ALA A 80 13.16 21.64 20.98
CA ALA A 80 12.12 20.62 21.01
C ALA A 80 12.73 19.23 21.14
N ARG A 81 13.80 18.99 20.40
CA ARG A 81 14.48 17.71 20.45
C ARG A 81 14.98 17.43 21.88
N GLU A 82 15.64 18.42 22.47
CA GLU A 82 16.15 18.27 23.82
C GLU A 82 15.04 17.96 24.81
N SER A 83 13.92 18.67 24.69
CA SER A 83 12.79 18.44 25.60
C SER A 83 12.31 16.99 25.54
N MET A 84 12.35 16.38 24.36
CA MET A 84 11.92 14.99 24.19
C MET A 84 12.91 14.05 24.87
N PHE A 85 14.20 14.19 24.53
CA PHE A 85 15.24 13.35 25.12
C PHE A 85 15.35 13.51 26.63
N ASN A 86 14.97 14.68 27.15
CA ASN A 86 15.04 14.94 28.58
C ASN A 86 13.82 14.47 29.36
N GLY A 87 12.89 13.81 28.69
CA GLY A 87 11.70 13.32 29.38
C GLY A 87 10.62 14.34 29.69
N GLU A 88 10.67 15.52 29.09
CA GLU A 88 9.65 16.52 29.34
C GLU A 88 8.34 16.05 28.73
N LYS A 89 7.21 16.49 29.28
CA LYS A 89 5.90 16.07 28.79
C LYS A 89 5.50 16.82 27.51
N ILE A 90 6.20 16.56 26.42
CA ILE A 90 5.87 17.25 25.17
C ILE A 90 4.56 16.79 24.52
N ASN A 91 4.04 15.64 24.96
CA ASN A 91 2.76 15.16 24.44
C ASN A 91 1.73 15.89 25.31
N SER A 92 1.61 17.18 25.05
CA SER A 92 0.74 18.09 25.79
C SER A 92 -0.72 17.69 26.00
N THR A 93 -1.42 17.29 24.95
CA THR A 93 -2.83 16.95 25.09
C THR A 93 -3.10 15.80 26.07
N GLU A 94 -2.14 14.90 26.20
CA GLU A 94 -2.27 13.77 27.10
C GLU A 94 -1.35 13.93 28.29
N ASP A 95 -0.64 15.07 28.33
CA ASP A 95 0.31 15.38 29.40
C ASP A 95 1.20 14.17 29.69
N ARG A 96 1.94 13.73 28.68
CA ARG A 96 2.83 12.59 28.80
C ARG A 96 4.18 12.90 28.17
N ALA A 97 5.17 12.09 28.53
CA ALA A 97 6.50 12.23 27.96
C ALA A 97 6.49 11.39 26.70
N VAL A 98 7.47 11.62 25.83
CA VAL A 98 7.61 10.89 24.58
C VAL A 98 9.02 10.32 24.63
N LEU A 99 9.14 9.08 25.11
CA LEU A 99 10.45 8.48 25.27
C LEU A 99 10.76 7.15 24.61
N HIS A 100 10.46 7.00 23.33
CA HIS A 100 10.81 5.75 22.67
C HIS A 100 12.33 5.70 22.57
N VAL A 101 12.98 6.85 22.70
CA VAL A 101 14.44 6.91 22.64
C VAL A 101 15.05 6.27 23.88
N ALA A 102 14.30 6.24 24.97
CA ALA A 102 14.79 5.63 26.21
C ALA A 102 14.77 4.11 26.06
N LEU A 103 13.81 3.59 25.32
CA LEU A 103 13.69 2.15 25.11
C LEU A 103 14.97 1.58 24.48
N ARG A 104 15.66 2.40 23.69
CA ARG A 104 16.89 1.95 23.06
C ARG A 104 18.12 2.74 23.53
N ASN A 105 18.00 3.38 24.69
CA ASN A 105 19.11 4.15 25.23
C ASN A 105 20.09 3.16 25.86
N ARG A 106 20.95 2.61 25.04
CA ARG A 106 21.91 1.62 25.50
C ARG A 106 23.11 2.21 26.23
N SER A 107 23.20 3.53 26.23
CA SER A 107 24.28 4.22 26.93
C SER A 107 23.84 4.28 28.39
N ASN A 108 22.53 4.05 28.58
CA ASN A 108 21.91 4.07 29.91
C ASN A 108 22.06 5.39 30.64
N THR A 109 22.18 6.47 29.89
CA THR A 109 22.28 7.79 30.50
C THR A 109 20.92 8.02 31.17
N PRO A 110 20.92 8.49 32.43
CA PRO A 110 19.66 8.74 33.14
C PRO A 110 18.66 9.60 32.39
N ILE A 111 17.39 9.22 32.46
CA ILE A 111 16.30 9.97 31.85
C ILE A 111 15.18 9.92 32.88
N VAL A 112 15.04 11.01 33.63
CA VAL A 112 14.04 11.05 34.68
C VAL A 112 12.71 11.67 34.26
N VAL A 113 11.63 11.00 34.66
CA VAL A 113 10.27 11.45 34.37
C VAL A 113 9.64 11.68 35.73
N ASP A 114 9.35 12.95 36.01
CA ASP A 114 8.77 13.39 37.27
C ASP A 114 9.30 12.63 38.48
N GLY A 115 10.62 12.58 38.62
CA GLY A 115 11.17 12.08 39.88
C GLY A 115 12.24 11.01 39.72
N LYS A 116 12.02 10.04 38.84
CA LYS A 116 13.01 8.98 38.71
C LYS A 116 13.48 8.60 37.32
N ASP A 117 14.65 7.99 37.27
CA ASP A 117 15.28 7.53 36.05
C ASP A 117 14.45 6.34 35.55
N VAL A 118 14.11 6.33 34.27
CA VAL A 118 13.31 5.26 33.69
C VAL A 118 14.11 4.07 33.20
N MET A 119 15.40 4.29 32.94
CA MET A 119 16.26 3.23 32.43
C MET A 119 16.21 1.92 33.23
N PRO A 120 16.24 2.00 34.56
CA PRO A 120 16.20 0.76 35.36
C PRO A 120 15.00 -0.11 35.00
N GLU A 121 13.85 0.51 34.79
CA GLU A 121 12.63 -0.23 34.45
C GLU A 121 12.72 -0.73 33.01
N VAL A 122 13.31 0.09 32.14
CA VAL A 122 13.46 -0.28 30.74
C VAL A 122 14.33 -1.54 30.63
N ASN A 123 15.49 -1.51 31.28
CA ASN A 123 16.40 -2.64 31.25
C ASN A 123 15.87 -3.85 32.01
N LYS A 124 15.00 -3.61 32.98
CA LYS A 124 14.44 -4.72 33.74
C LYS A 124 13.52 -5.49 32.82
N VAL A 125 12.72 -4.78 32.02
CA VAL A 125 11.82 -5.45 31.09
C VAL A 125 12.65 -6.16 30.02
N LEU A 126 13.71 -5.52 29.56
CA LEU A 126 14.57 -6.12 28.55
C LEU A 126 15.14 -7.43 29.04
N ASP A 127 15.65 -7.44 30.27
CA ASP A 127 16.22 -8.66 30.83
C ASP A 127 15.16 -9.74 30.91
N LYS A 128 13.96 -9.37 31.34
CA LYS A 128 12.86 -10.32 31.46
C LYS A 128 12.56 -10.93 30.09
N MET A 129 12.57 -10.09 29.05
CA MET A 129 12.31 -10.54 27.69
C MET A 129 13.35 -11.57 27.23
N LYS A 130 14.62 -11.24 27.39
CA LYS A 130 15.70 -12.13 27.00
C LYS A 130 15.60 -13.46 27.72
N ALA A 131 15.41 -13.39 29.04
CA ALA A 131 15.30 -14.61 29.84
C ALA A 131 14.16 -15.47 29.31
N PHE A 132 13.07 -14.82 28.90
CA PHE A 132 11.90 -15.53 28.38
C PHE A 132 12.19 -16.12 26.99
N CYS A 133 12.78 -15.32 26.11
CA CYS A 133 13.10 -15.79 24.77
C CYS A 133 14.00 -17.01 24.89
N GLN A 134 14.91 -16.96 25.85
CA GLN A 134 15.85 -18.05 26.08
C GLN A 134 15.11 -19.36 26.38
N ARG A 135 14.17 -19.29 27.32
CA ARG A 135 13.41 -20.47 27.71
C ARG A 135 12.55 -21.02 26.57
N VAL A 136 12.01 -20.11 25.75
CA VAL A 136 11.18 -20.52 24.62
C VAL A 136 11.97 -21.13 23.48
N ARG A 137 13.05 -20.47 23.08
CA ARG A 137 13.88 -20.94 21.97
C ARG A 137 14.76 -22.13 22.30
N SER A 138 14.89 -22.45 23.59
CA SER A 138 15.73 -23.57 24.01
C SER A 138 14.90 -24.84 24.28
N GLY A 139 13.58 -24.69 24.27
CA GLY A 139 12.72 -25.82 24.54
C GLY A 139 12.42 -25.91 26.01
N ASP A 140 13.11 -25.10 26.80
CA ASP A 140 12.90 -25.07 28.24
C ASP A 140 11.43 -24.84 28.54
N TRP A 141 10.83 -23.89 27.83
CA TRP A 141 9.41 -23.59 28.02
C TRP A 141 8.60 -24.65 27.27
N LYS A 142 7.87 -25.46 28.03
CA LYS A 142 7.07 -26.53 27.44
C LYS A 142 5.59 -26.20 27.40
N GLY A 143 4.86 -26.84 26.49
CA GLY A 143 3.43 -26.62 26.38
C GLY A 143 2.72 -27.45 27.43
N TYR A 144 1.39 -27.47 27.39
CA TYR A 144 0.63 -28.22 28.38
C TYR A 144 0.78 -29.74 28.30
N THR A 145 1.60 -30.22 27.37
CA THR A 145 1.83 -31.67 27.22
C THR A 145 3.32 -31.99 27.11
N GLY A 146 4.16 -31.06 27.57
CA GLY A 146 5.59 -31.28 27.57
C GLY A 146 6.33 -31.04 26.26
N LYS A 147 5.62 -30.54 25.24
CA LYS A 147 6.24 -30.29 23.95
C LYS A 147 6.82 -28.89 23.82
N THR A 148 7.80 -28.75 22.92
CA THR A 148 8.48 -27.48 22.66
C THR A 148 7.61 -26.55 21.81
N ILE A 149 7.88 -25.26 21.90
CA ILE A 149 7.14 -24.25 21.15
C ILE A 149 7.68 -24.10 19.73
N THR A 150 6.81 -24.30 18.74
CA THR A 150 7.20 -24.20 17.34
C THR A 150 6.62 -22.96 16.68
N ASP A 151 5.50 -22.47 17.20
CA ASP A 151 4.86 -21.30 16.63
C ASP A 151 4.50 -20.23 17.65
N VAL A 152 4.75 -18.99 17.27
CA VAL A 152 4.44 -17.84 18.11
C VAL A 152 3.45 -16.97 17.35
N ILE A 153 2.31 -16.68 17.98
CA ILE A 153 1.29 -15.87 17.33
C ILE A 153 1.05 -14.56 18.09
N ASN A 154 1.38 -13.45 17.45
CA ASN A 154 1.19 -12.14 18.05
C ASN A 154 -0.21 -11.63 17.73
N ILE A 155 -0.97 -11.30 18.77
CA ILE A 155 -2.32 -10.79 18.57
C ILE A 155 -2.35 -9.34 19.03
N GLY A 156 -2.53 -8.44 18.08
CA GLY A 156 -2.57 -7.02 18.38
C GLY A 156 -2.91 -6.26 17.11
N ILE A 157 -3.16 -4.97 17.24
CA ILE A 157 -3.50 -4.16 16.07
C ILE A 157 -2.79 -2.81 16.14
N GLY A 158 -2.63 -2.17 14.97
CA GLY A 158 -1.99 -0.87 14.93
C GLY A 158 -0.55 -0.88 15.42
N GLY A 159 -0.27 -0.05 16.42
CA GLY A 159 1.07 0.01 16.99
C GLY A 159 1.53 -1.31 17.58
N SER A 160 0.59 -2.14 17.99
CA SER A 160 0.92 -3.43 18.59
C SER A 160 0.98 -4.54 17.54
N ASP A 161 1.03 -4.16 16.26
CA ASP A 161 1.07 -5.12 15.17
C ASP A 161 2.09 -4.81 14.05
N LEU A 162 1.90 -3.66 13.41
CA LEU A 162 2.74 -3.25 12.29
C LEU A 162 4.26 -3.29 12.47
N GLY A 163 4.75 -2.74 13.58
CA GLY A 163 6.18 -2.73 13.84
C GLY A 163 6.81 -4.11 13.87
N PRO A 164 6.33 -5.01 14.74
CA PRO A 164 6.87 -6.37 14.86
C PRO A 164 6.77 -7.13 13.54
N LEU A 165 5.63 -6.98 12.87
CA LEU A 165 5.40 -7.66 11.59
C LEU A 165 6.41 -7.19 10.54
N MET A 166 6.53 -5.88 10.39
CA MET A 166 7.43 -5.30 9.41
C MET A 166 8.89 -5.69 9.68
N VAL A 167 9.28 -5.67 10.95
CA VAL A 167 10.65 -6.01 11.31
C VAL A 167 10.96 -7.49 11.14
N THR A 168 10.06 -8.37 11.57
CA THR A 168 10.32 -9.81 11.41
C THR A 168 10.40 -10.15 9.93
N GLU A 169 9.63 -9.45 9.10
CA GLU A 169 9.67 -9.68 7.66
C GLU A 169 11.02 -9.20 7.12
N ALA A 170 11.43 -8.02 7.56
CA ALA A 170 12.69 -7.44 7.09
C ALA A 170 13.92 -8.22 7.52
N LEU A 171 13.88 -8.80 8.71
CA LEU A 171 15.01 -9.55 9.24
C LEU A 171 14.84 -11.07 9.19
N LYS A 172 14.04 -11.54 8.25
CA LYS A 172 13.80 -12.98 8.12
C LYS A 172 15.09 -13.80 8.02
N PRO A 173 16.13 -13.28 7.34
CA PRO A 173 17.38 -14.03 7.24
C PRO A 173 18.07 -14.30 8.57
N TYR A 174 17.72 -13.54 9.61
CA TYR A 174 18.32 -13.71 10.91
C TYR A 174 17.42 -14.49 11.86
N SER A 175 16.48 -15.25 11.30
CA SER A 175 15.54 -16.02 12.12
C SER A 175 15.93 -17.50 12.28
N SER A 176 17.12 -17.86 11.81
CA SER A 176 17.57 -19.25 11.93
C SER A 176 17.55 -19.72 13.37
N GLY A 177 16.87 -20.84 13.62
CA GLY A 177 16.80 -21.37 14.96
C GLY A 177 15.70 -20.78 15.82
N GLY A 178 14.82 -19.99 15.19
CA GLY A 178 13.74 -19.38 15.93
C GLY A 178 12.39 -19.98 15.55
N PRO A 179 11.37 -19.83 16.39
CA PRO A 179 10.05 -20.38 16.07
C PRO A 179 9.43 -19.57 14.93
N ARG A 180 8.39 -20.13 14.31
CA ARG A 180 7.72 -19.42 13.23
C ARG A 180 6.81 -18.38 13.90
N VAL A 181 6.85 -17.15 13.40
CA VAL A 181 6.01 -16.10 13.98
C VAL A 181 4.84 -15.76 13.06
N TRP A 182 3.67 -15.60 13.66
CA TRP A 182 2.45 -15.26 12.92
C TRP A 182 1.88 -13.99 13.51
N PHE A 183 1.14 -13.23 12.70
CA PHE A 183 0.55 -12.00 13.18
C PHE A 183 -0.94 -11.90 12.85
N VAL A 184 -1.75 -11.81 13.90
CA VAL A 184 -3.19 -11.69 13.76
C VAL A 184 -3.56 -10.31 14.28
N SER A 185 -4.23 -9.52 13.45
CA SER A 185 -4.59 -8.16 13.84
C SER A 185 -6.04 -7.75 13.54
N ASN A 186 -6.48 -8.00 12.32
CA ASN A 186 -7.84 -7.64 11.91
C ASN A 186 -8.92 -8.31 12.76
N ILE A 187 -10.02 -7.61 12.99
CA ILE A 187 -11.13 -8.20 13.73
C ILE A 187 -11.81 -9.18 12.79
N ASP A 188 -11.65 -8.95 11.48
CA ASP A 188 -12.22 -9.83 10.47
C ASP A 188 -11.86 -11.28 10.81
N GLY A 189 -12.88 -12.07 11.17
CA GLY A 189 -12.68 -13.46 11.55
C GLY A 189 -11.76 -14.27 10.65
N THR A 190 -11.70 -13.88 9.38
CA THR A 190 -10.85 -14.56 8.43
C THR A 190 -9.40 -14.60 8.90
N HIS A 191 -8.93 -13.50 9.47
CA HIS A 191 -7.55 -13.42 9.92
C HIS A 191 -7.16 -14.47 10.96
N ILE A 192 -7.89 -14.48 12.08
CA ILE A 192 -7.59 -15.45 13.13
C ILE A 192 -7.89 -16.87 12.65
N ALA A 193 -9.03 -17.04 11.99
CA ALA A 193 -9.45 -18.35 11.49
C ALA A 193 -8.42 -19.04 10.60
N LYS A 194 -7.94 -18.32 9.58
CA LYS A 194 -6.97 -18.90 8.66
C LYS A 194 -5.62 -19.13 9.33
N THR A 195 -5.32 -18.38 10.38
CA THR A 195 -4.06 -18.53 11.07
C THR A 195 -4.09 -19.75 11.99
N LEU A 196 -5.19 -19.91 12.73
CA LEU A 196 -5.33 -21.04 13.63
C LEU A 196 -5.48 -22.37 12.88
N ALA A 197 -5.96 -22.31 11.66
CA ALA A 197 -6.15 -23.53 10.88
C ALA A 197 -4.84 -24.29 10.73
N CYS A 198 -3.74 -23.57 10.63
CA CYS A 198 -2.45 -24.22 10.44
C CYS A 198 -1.59 -24.24 11.71
N LEU A 199 -2.21 -24.47 12.85
CA LEU A 199 -1.45 -24.48 14.11
C LEU A 199 -1.82 -25.59 15.08
N ASN A 200 -0.81 -26.12 15.77
CA ASN A 200 -1.02 -27.16 16.77
C ASN A 200 -1.05 -26.45 18.11
N PRO A 201 -2.21 -26.43 18.79
CA PRO A 201 -2.31 -25.76 20.08
C PRO A 201 -1.29 -26.22 21.10
N GLU A 202 -0.64 -27.35 20.83
CA GLU A 202 0.36 -27.87 21.75
C GLU A 202 1.64 -27.05 21.66
N SER A 203 2.16 -26.87 20.46
CA SER A 203 3.40 -26.12 20.29
C SER A 203 3.20 -24.65 19.92
N SER A 204 2.00 -24.13 20.15
CA SER A 204 1.70 -22.74 19.81
C SER A 204 1.69 -21.80 21.02
N LEU A 205 2.40 -20.69 20.90
CA LEU A 205 2.48 -19.69 21.96
C LEU A 205 1.85 -18.38 21.48
N PHE A 206 0.87 -17.88 22.23
CA PHE A 206 0.22 -16.63 21.86
C PHE A 206 0.72 -15.45 22.69
N ILE A 207 0.91 -14.33 22.00
CA ILE A 207 1.36 -13.10 22.63
C ILE A 207 0.27 -12.05 22.44
N ILE A 208 -0.40 -11.69 23.53
CA ILE A 208 -1.46 -10.70 23.45
C ILE A 208 -0.81 -9.34 23.65
N ALA A 209 -0.63 -8.61 22.56
CA ALA A 209 -0.01 -7.29 22.60
C ALA A 209 -1.06 -6.19 22.57
N SER A 210 -1.16 -5.47 23.68
CA SER A 210 -2.12 -4.38 23.80
C SER A 210 -1.75 -3.47 24.96
N LYS A 211 -1.35 -2.24 24.63
CA LYS A 211 -0.96 -1.25 25.63
C LYS A 211 -2.09 -1.08 26.63
N THR A 212 -3.29 -0.79 26.12
CA THR A 212 -4.45 -0.59 26.99
C THR A 212 -5.04 -1.92 27.40
N PHE A 213 -4.88 -2.94 26.57
CA PHE A 213 -5.44 -4.26 26.84
C PHE A 213 -6.96 -4.19 26.94
N THR A 214 -7.56 -3.25 26.20
CA THR A 214 -9.02 -3.11 26.16
C THR A 214 -9.51 -2.98 24.72
N THR A 215 -8.57 -2.84 23.79
CA THR A 215 -8.92 -2.71 22.37
C THR A 215 -9.83 -3.86 21.96
N GLN A 216 -10.97 -3.52 21.39
CA GLN A 216 -11.95 -4.53 20.98
C GLN A 216 -11.41 -5.61 20.06
N GLU A 217 -10.74 -5.23 18.98
CA GLU A 217 -10.20 -6.20 18.05
C GLU A 217 -9.28 -7.21 18.72
N THR A 218 -8.28 -6.69 19.43
CA THR A 218 -7.31 -7.52 20.11
C THR A 218 -7.92 -8.44 21.17
N ILE A 219 -8.65 -7.85 22.12
CA ILE A 219 -9.28 -8.66 23.16
C ILE A 219 -10.21 -9.71 22.57
N THR A 220 -10.95 -9.35 21.53
CA THR A 220 -11.86 -10.30 20.90
C THR A 220 -11.06 -11.44 20.26
N ASN A 221 -10.01 -11.09 19.51
CA ASN A 221 -9.16 -12.11 18.88
C ASN A 221 -8.55 -13.02 19.95
N ALA A 222 -8.08 -12.40 21.03
CA ALA A 222 -7.46 -13.14 22.13
C ALA A 222 -8.42 -14.16 22.75
N LYS A 223 -9.67 -13.74 22.97
CA LYS A 223 -10.68 -14.62 23.54
C LYS A 223 -11.01 -15.77 22.59
N THR A 224 -11.00 -15.48 21.29
CA THR A 224 -11.27 -16.51 20.30
C THR A 224 -10.12 -17.51 20.26
N ALA A 225 -8.91 -17.00 20.42
CA ALA A 225 -7.74 -17.84 20.42
C ALA A 225 -7.79 -18.78 21.62
N LYS A 226 -8.19 -18.23 22.77
CA LYS A 226 -8.29 -19.02 23.99
C LYS A 226 -9.34 -20.12 23.84
N ASP A 227 -10.47 -19.79 23.21
CA ASP A 227 -11.51 -20.79 23.01
C ASP A 227 -10.97 -21.90 22.12
N TRP A 228 -10.30 -21.50 21.04
CA TRP A 228 -9.71 -22.45 20.11
C TRP A 228 -8.74 -23.35 20.84
N PHE A 229 -7.90 -22.74 21.68
CA PHE A 229 -6.92 -23.47 22.44
C PHE A 229 -7.57 -24.44 23.44
N LEU A 230 -8.52 -23.92 24.19
CA LEU A 230 -9.22 -24.70 25.23
C LEU A 230 -10.01 -25.88 24.66
N LEU A 231 -10.48 -25.73 23.43
CA LEU A 231 -11.26 -26.79 22.77
C LEU A 231 -10.42 -28.05 22.61
N SER A 232 -9.11 -27.85 22.57
CA SER A 232 -8.14 -28.93 22.36
C SER A 232 -7.48 -29.37 23.68
N ALA A 233 -7.07 -28.37 24.46
CA ALA A 233 -6.37 -28.62 25.73
C ALA A 233 -7.32 -28.64 26.93
N LYS A 234 -8.59 -28.56 26.64
CA LYS A 234 -9.65 -28.56 27.67
C LYS A 234 -9.03 -28.65 29.08
N ASP A 235 -8.87 -27.45 29.63
CA ASP A 235 -8.36 -27.19 30.99
C ASP A 235 -7.91 -25.73 31.06
N PRO A 236 -8.66 -24.87 31.74
CA PRO A 236 -8.35 -23.44 31.76
C PRO A 236 -6.96 -23.12 32.27
N SER A 237 -6.54 -23.87 33.26
CA SER A 237 -5.26 -23.64 33.98
C SER A 237 -4.00 -23.75 33.08
N THR A 238 -4.17 -24.16 31.85
CA THR A 238 -3.03 -24.35 30.92
C THR A 238 -2.81 -23.12 30.05
N VAL A 239 -3.72 -22.15 30.10
CA VAL A 239 -3.57 -20.94 29.30
C VAL A 239 -2.33 -20.18 29.75
N ALA A 240 -1.95 -20.38 31.01
CA ALA A 240 -0.78 -19.73 31.58
C ALA A 240 0.51 -20.22 30.92
N LYS A 241 0.43 -21.33 30.21
CA LYS A 241 1.60 -21.88 29.54
C LYS A 241 1.64 -21.46 28.07
N HIS A 242 0.50 -21.06 27.53
CA HIS A 242 0.41 -20.67 26.12
C HIS A 242 -0.01 -19.23 25.83
N PHE A 243 -0.14 -18.41 26.87
CA PHE A 243 -0.53 -17.01 26.69
C PHE A 243 0.24 -16.04 27.58
N VAL A 244 0.97 -15.13 26.94
CA VAL A 244 1.73 -14.11 27.65
C VAL A 244 1.17 -12.77 27.20
N ALA A 245 1.46 -11.71 27.95
CA ALA A 245 0.95 -10.39 27.58
C ALA A 245 1.97 -9.28 27.59
N LEU A 246 1.77 -8.32 26.69
CA LEU A 246 2.63 -7.14 26.56
C LEU A 246 1.65 -5.99 26.77
N SER A 247 1.65 -5.41 27.97
CA SER A 247 0.72 -4.32 28.27
C SER A 247 1.22 -3.41 29.38
N THR A 248 0.47 -2.34 29.64
CA THR A 248 0.82 -1.39 30.68
C THR A 248 -0.18 -1.55 31.84
N ASN A 249 -1.21 -2.35 31.62
CA ASN A 249 -2.22 -2.58 32.67
C ASN A 249 -2.22 -4.02 33.14
N THR A 250 -1.90 -4.21 34.41
CA THR A 250 -1.83 -5.52 35.05
C THR A 250 -3.20 -6.13 35.37
N ALA A 251 -4.12 -5.30 35.84
CA ALA A 251 -5.46 -5.76 36.21
C ALA A 251 -6.16 -6.53 35.10
N LYS A 252 -6.23 -5.94 33.93
CA LYS A 252 -6.90 -6.58 32.81
C LYS A 252 -6.21 -7.86 32.34
N VAL A 253 -4.89 -7.85 32.32
CA VAL A 253 -4.11 -9.02 31.92
C VAL A 253 -4.44 -10.19 32.85
N LYS A 254 -4.41 -9.92 34.15
CA LYS A 254 -4.68 -10.96 35.14
C LYS A 254 -6.10 -11.44 34.94
N GLU A 255 -6.98 -10.49 34.67
CA GLU A 255 -8.39 -10.76 34.45
C GLU A 255 -8.56 -11.72 33.28
N PHE A 256 -7.74 -11.53 32.24
CA PHE A 256 -7.81 -12.38 31.05
C PHE A 256 -7.43 -13.82 31.38
N GLY A 257 -6.61 -13.98 32.41
CA GLY A 257 -6.18 -15.31 32.81
C GLY A 257 -4.68 -15.48 32.69
N ILE A 258 -3.98 -14.37 32.53
CA ILE A 258 -2.52 -14.38 32.40
C ILE A 258 -1.88 -13.82 33.68
N ASP A 259 -0.94 -14.57 34.25
CA ASP A 259 -0.28 -14.14 35.48
C ASP A 259 0.70 -12.99 35.23
N PRO A 260 0.77 -12.04 36.17
CA PRO A 260 1.66 -10.88 36.04
C PRO A 260 3.12 -11.23 35.79
N GLN A 261 3.51 -12.45 36.13
CA GLN A 261 4.88 -12.88 35.91
C GLN A 261 5.15 -12.98 34.41
N ASN A 262 4.11 -13.26 33.64
CA ASN A 262 4.26 -13.38 32.20
C ASN A 262 3.76 -12.14 31.44
N MET A 263 3.75 -11.00 32.12
CA MET A 263 3.34 -9.75 31.51
C MET A 263 4.56 -8.86 31.33
N PHE A 264 4.88 -8.56 30.08
CA PHE A 264 6.02 -7.70 29.78
C PHE A 264 5.44 -6.31 29.58
N GLU A 265 5.77 -5.41 30.50
CA GLU A 265 5.20 -4.07 30.43
C GLU A 265 6.06 -3.00 29.78
N PHE A 266 5.37 -1.97 29.29
CA PHE A 266 6.04 -0.81 28.72
C PHE A 266 5.30 0.34 29.38
N TRP A 267 5.60 1.57 29.01
CA TRP A 267 4.97 2.68 29.71
C TRP A 267 4.13 3.62 28.86
N ASP A 268 3.44 4.54 29.53
CA ASP A 268 2.57 5.49 28.86
C ASP A 268 3.32 6.44 27.93
N TRP A 269 4.61 6.65 28.16
CA TRP A 269 5.38 7.53 27.29
C TRP A 269 5.99 6.76 26.13
N VAL A 270 5.59 5.50 26.00
CA VAL A 270 5.70 4.78 24.70
C VAL A 270 4.49 4.73 23.76
N GLY A 271 4.48 5.60 22.77
CA GLY A 271 3.38 5.61 21.82
C GLY A 271 3.31 4.31 21.06
N GLY A 272 2.11 3.82 20.81
CA GLY A 272 1.96 2.56 20.09
C GLY A 272 2.77 2.49 18.81
N ARG A 273 2.67 3.53 17.99
CA ARG A 273 3.39 3.57 16.72
C ARG A 273 4.90 3.76 16.87
N TYR A 274 5.37 3.75 18.12
CA TYR A 274 6.80 3.85 18.41
C TYR A 274 7.14 2.82 19.48
N SER A 275 6.39 1.72 19.51
CA SER A 275 6.58 0.70 20.54
C SER A 275 7.32 -0.59 20.20
N LEU A 276 7.66 -0.79 18.94
CA LEU A 276 8.35 -2.03 18.57
C LEU A 276 9.68 -2.17 19.31
N TRP A 277 10.16 -1.07 19.89
CA TRP A 277 11.43 -1.07 20.62
C TRP A 277 11.28 -1.54 22.07
N SER A 278 10.06 -1.62 22.55
CA SER A 278 9.80 -2.05 23.92
C SER A 278 9.39 -3.52 23.96
N ALA A 279 8.59 -3.89 24.97
CA ALA A 279 8.12 -5.25 25.13
C ALA A 279 7.32 -5.66 23.90
N ILE A 280 6.79 -4.67 23.18
CA ILE A 280 6.02 -4.95 21.98
C ILE A 280 6.87 -5.73 20.97
N GLY A 281 8.19 -5.55 21.06
CA GLY A 281 9.08 -6.25 20.14
C GLY A 281 9.47 -7.66 20.56
N LEU A 282 8.74 -8.24 21.50
CA LEU A 282 9.04 -9.58 21.97
C LEU A 282 9.05 -10.59 20.83
N SER A 283 8.06 -10.51 19.95
CA SER A 283 7.96 -11.43 18.82
C SER A 283 9.20 -11.30 17.93
N ILE A 284 9.77 -10.10 17.88
CA ILE A 284 10.97 -9.86 17.08
C ILE A 284 12.14 -10.62 17.72
N ALA A 285 12.33 -10.41 19.03
CA ALA A 285 13.39 -11.07 19.78
C ALA A 285 13.27 -12.59 19.68
N LEU A 286 12.05 -13.10 19.79
CA LEU A 286 11.81 -14.54 19.70
C LEU A 286 12.14 -15.10 18.32
N HIS A 287 11.93 -14.29 17.29
CA HIS A 287 12.17 -14.71 15.90
C HIS A 287 13.63 -14.66 15.49
N VAL A 288 14.32 -13.57 15.82
CA VAL A 288 15.72 -13.41 15.45
C VAL A 288 16.70 -13.53 16.61
N GLY A 289 16.21 -13.83 17.80
CA GLY A 289 17.09 -13.96 18.95
C GLY A 289 17.34 -12.59 19.58
N PHE A 290 17.70 -12.57 20.86
CA PHE A 290 17.92 -11.32 21.56
C PHE A 290 19.14 -10.52 21.11
N ASP A 291 20.20 -11.20 20.70
CA ASP A 291 21.40 -10.52 20.23
C ASP A 291 21.05 -9.59 19.07
N ASN A 292 20.24 -10.09 18.15
CA ASN A 292 19.83 -9.29 16.99
C ASN A 292 18.87 -8.18 17.40
N PHE A 293 18.03 -8.45 18.40
CA PHE A 293 17.10 -7.44 18.86
C PHE A 293 17.91 -6.29 19.43
N GLU A 294 18.95 -6.62 20.20
CA GLU A 294 19.78 -5.58 20.79
C GLU A 294 20.52 -4.80 19.72
N GLN A 295 20.82 -5.45 18.59
CA GLN A 295 21.49 -4.76 17.49
C GLN A 295 20.50 -3.77 16.87
N LEU A 296 19.23 -4.20 16.79
CA LEU A 296 18.18 -3.36 16.26
C LEU A 296 18.12 -2.10 17.11
N LEU A 297 18.01 -2.28 18.42
CA LEU A 297 17.95 -1.16 19.35
C LEU A 297 19.20 -0.30 19.26
N SER A 298 20.33 -0.95 19.04
CA SER A 298 21.59 -0.21 18.95
C SER A 298 21.61 0.69 17.73
N GLY A 299 21.07 0.19 16.62
CA GLY A 299 21.05 0.98 15.39
C GLY A 299 20.21 2.24 15.61
N ALA A 300 19.07 2.09 16.27
CA ALA A 300 18.20 3.23 16.54
C ALA A 300 18.92 4.22 17.47
N HIS A 301 19.65 3.69 18.45
CA HIS A 301 20.38 4.55 19.39
C HIS A 301 21.45 5.34 18.65
N TRP A 302 22.09 4.71 17.68
CA TRP A 302 23.12 5.38 16.91
C TRP A 302 22.51 6.55 16.16
N MET A 303 21.33 6.34 15.58
CA MET A 303 20.65 7.39 14.85
C MET A 303 20.14 8.45 15.82
N ASP A 304 19.76 8.03 17.03
CA ASP A 304 19.28 8.98 18.03
C ASP A 304 20.41 9.96 18.36
N GLN A 305 21.63 9.43 18.47
CA GLN A 305 22.80 10.26 18.78
C GLN A 305 23.13 11.19 17.62
N HIS A 306 23.08 10.67 16.41
CA HIS A 306 23.35 11.45 15.20
C HIS A 306 22.40 12.65 15.15
N PHE A 307 21.13 12.39 15.43
CA PHE A 307 20.11 13.43 15.42
C PHE A 307 20.33 14.47 16.51
N ARG A 308 20.77 14.01 17.68
CA ARG A 308 20.96 14.93 18.79
C ARG A 308 22.25 15.76 18.78
N THR A 309 23.32 15.22 18.21
CA THR A 309 24.61 15.92 18.19
C THR A 309 25.09 16.55 16.87
N THR A 310 24.37 16.28 15.78
CA THR A 310 24.79 16.79 14.48
C THR A 310 24.20 18.15 14.11
N PRO A 311 25.04 19.06 13.59
CA PRO A 311 24.56 20.38 13.19
C PRO A 311 23.46 20.21 12.14
N LEU A 312 22.41 21.02 12.25
CA LEU A 312 21.28 20.95 11.33
C LEU A 312 21.64 20.76 9.85
N GLU A 313 22.69 21.45 9.40
CA GLU A 313 23.13 21.38 8.01
C GLU A 313 23.54 20.01 7.54
N LYS A 314 23.87 19.12 8.47
CA LYS A 314 24.28 17.77 8.12
C LYS A 314 23.56 16.73 8.96
N ASN A 315 22.36 17.08 9.42
CA ASN A 315 21.55 16.21 10.25
C ASN A 315 20.51 15.53 9.36
N ALA A 316 20.70 14.24 9.10
CA ALA A 316 19.81 13.47 8.23
C ALA A 316 18.31 13.65 8.48
N PRO A 317 17.83 13.35 9.70
CA PRO A 317 16.40 13.53 9.98
C PRO A 317 15.90 14.94 9.65
N VAL A 318 16.70 15.94 10.03
CA VAL A 318 16.34 17.33 9.77
C VAL A 318 16.29 17.61 8.27
N LEU A 319 17.31 17.17 7.53
CA LEU A 319 17.35 17.39 6.09
C LEU A 319 16.14 16.75 5.40
N LEU A 320 15.84 15.49 5.75
CA LEU A 320 14.70 14.81 5.16
C LEU A 320 13.41 15.57 5.50
N ALA A 321 13.28 15.98 6.75
CA ALA A 321 12.09 16.70 7.21
C ALA A 321 11.86 18.02 6.48
N MET A 322 12.89 18.86 6.43
CA MET A 322 12.76 20.16 5.78
C MET A 322 12.52 20.04 4.29
N LEU A 323 13.11 19.03 3.66
CA LEU A 323 12.88 18.82 2.24
C LEU A 323 11.40 18.51 2.08
N GLY A 324 10.87 17.72 3.02
CA GLY A 324 9.47 17.37 3.00
C GLY A 324 8.59 18.60 3.15
N ILE A 325 9.00 19.50 4.04
CA ILE A 325 8.27 20.75 4.28
C ILE A 325 8.20 21.58 3.00
N TRP A 326 9.32 21.59 2.29
CA TRP A 326 9.46 22.32 1.04
C TRP A 326 8.41 21.88 0.02
N TYR A 327 8.31 20.58 -0.21
CA TYR A 327 7.33 20.06 -1.16
C TYR A 327 5.89 20.15 -0.65
N ILE A 328 5.70 19.94 0.65
CA ILE A 328 4.37 19.98 1.22
C ILE A 328 3.78 21.38 1.33
N ASN A 329 4.51 22.28 1.98
CA ASN A 329 4.01 23.64 2.20
C ASN A 329 4.28 24.65 1.09
N CYS A 330 5.23 24.36 0.21
CA CYS A 330 5.54 25.28 -0.88
C CYS A 330 5.06 24.77 -2.24
N PHE A 331 5.36 23.53 -2.58
CA PHE A 331 4.90 22.99 -3.85
C PHE A 331 3.49 22.40 -3.74
N GLY A 332 3.04 22.17 -2.51
CA GLY A 332 1.70 21.63 -2.31
C GLY A 332 1.47 20.17 -2.63
N CYS A 333 2.53 19.35 -2.56
CA CYS A 333 2.41 17.92 -2.86
C CYS A 333 1.71 17.18 -1.73
N GLU A 334 0.61 16.51 -2.07
CA GLU A 334 -0.17 15.75 -1.11
C GLU A 334 0.47 14.47 -0.57
N THR A 335 1.35 13.85 -1.36
CA THR A 335 1.92 12.59 -0.94
C THR A 335 3.44 12.45 -0.91
N GLN A 336 3.87 11.36 -0.29
CA GLN A 336 5.28 11.01 -0.13
C GLN A 336 5.38 9.52 -0.45
N ALA A 337 6.18 9.17 -1.46
CA ALA A 337 6.34 7.77 -1.83
C ALA A 337 7.59 7.16 -1.20
N VAL A 338 7.46 5.94 -0.71
CA VAL A 338 8.57 5.22 -0.10
C VAL A 338 8.73 3.97 -0.97
N LEU A 339 9.87 3.88 -1.66
CA LEU A 339 10.11 2.78 -2.57
C LEU A 339 11.40 2.01 -2.32
N PRO A 340 11.34 1.02 -1.43
CA PRO A 340 12.52 0.21 -1.11
C PRO A 340 12.71 -0.91 -2.14
N TYR A 341 13.92 -0.97 -2.72
CA TYR A 341 14.24 -2.01 -3.69
C TYR A 341 14.77 -3.20 -2.90
N ASP A 342 13.87 -3.76 -2.10
CA ASP A 342 14.19 -4.89 -1.24
C ASP A 342 12.90 -5.61 -0.91
N GLN A 343 12.80 -6.88 -1.30
CA GLN A 343 11.61 -7.68 -1.05
C GLN A 343 11.34 -7.85 0.45
N TYR A 344 12.40 -7.95 1.24
CA TYR A 344 12.22 -8.10 2.69
C TYR A 344 11.54 -6.89 3.32
N LEU A 345 11.69 -5.73 2.70
CA LEU A 345 11.09 -4.49 3.22
C LEU A 345 9.71 -4.23 2.60
N HIS A 346 9.00 -5.29 2.20
CA HIS A 346 7.70 -5.13 1.58
C HIS A 346 6.61 -4.51 2.46
N ARG A 347 6.85 -4.42 3.76
CA ARG A 347 5.89 -3.84 4.69
C ARG A 347 6.41 -2.51 5.27
N PHE A 348 7.57 -2.08 4.78
CA PHE A 348 8.20 -0.84 5.25
C PHE A 348 7.35 0.41 5.02
N ALA A 349 6.87 0.57 3.79
CA ALA A 349 6.03 1.72 3.47
C ALA A 349 4.78 1.75 4.34
N ALA A 350 4.14 0.59 4.49
CA ALA A 350 2.93 0.49 5.30
C ALA A 350 3.21 0.85 6.76
N TYR A 351 4.38 0.51 7.25
CA TYR A 351 4.73 0.83 8.63
C TYR A 351 4.73 2.35 8.83
N PHE A 352 5.42 3.07 7.94
CA PHE A 352 5.48 4.51 8.08
C PHE A 352 4.23 5.22 7.63
N GLN A 353 3.33 4.46 7.01
CA GLN A 353 2.07 5.01 6.57
C GLN A 353 1.36 5.32 7.89
N GLN A 354 1.52 4.45 8.87
CA GLN A 354 0.91 4.68 10.18
C GLN A 354 1.79 5.66 10.97
N GLY A 355 3.07 5.31 11.08
CA GLY A 355 4.01 6.14 11.82
C GLY A 355 4.00 7.61 11.44
N ASP A 356 3.86 7.88 10.16
CA ASP A 356 3.84 9.25 9.67
C ASP A 356 2.44 9.87 9.71
N MET A 357 1.49 9.23 9.05
CA MET A 357 0.14 9.75 8.98
C MET A 357 -0.63 9.83 10.31
N GLU A 358 -0.45 8.85 11.19
CA GLU A 358 -1.16 8.91 12.45
C GLU A 358 -0.49 9.95 13.36
N SER A 359 0.78 10.24 13.11
CA SER A 359 1.50 11.22 13.91
C SER A 359 1.20 12.65 13.48
N ASN A 360 1.40 12.95 12.20
CA ASN A 360 1.20 14.31 11.71
C ASN A 360 -0.08 14.59 10.92
N GLY A 361 -1.03 13.66 10.96
CA GLY A 361 -2.30 13.88 10.28
C GLY A 361 -3.14 14.63 11.28
N LYS A 362 -2.73 15.87 11.59
CA LYS A 362 -3.39 16.72 12.57
C LYS A 362 -3.73 18.10 11.99
N TYR A 363 -4.63 18.81 12.65
CA TYR A 363 -5.00 20.14 12.16
C TYR A 363 -5.11 21.18 13.27
N ILE A 364 -4.87 20.78 14.52
CA ILE A 364 -4.91 21.70 15.67
C ILE A 364 -3.52 21.81 16.25
N THR A 365 -3.04 23.03 16.45
CA THR A 365 -1.69 23.25 16.98
C THR A 365 -1.62 23.07 18.51
N LYS A 366 -0.40 23.14 19.03
CA LYS A 366 -0.18 22.99 20.46
C LYS A 366 -0.84 24.10 21.26
N SER A 367 -1.09 25.23 20.60
CA SER A 367 -1.74 26.36 21.26
C SER A 367 -3.26 26.26 21.14
N GLY A 368 -3.72 25.21 20.45
CA GLY A 368 -5.15 25.01 20.28
C GLY A 368 -5.74 25.73 19.08
N ALA A 369 -4.88 26.31 18.24
CA ALA A 369 -5.35 27.03 17.06
C ALA A 369 -5.43 26.10 15.86
N ARG A 370 -6.38 26.37 14.96
CA ARG A 370 -6.53 25.56 13.76
C ARG A 370 -5.45 25.98 12.76
N VAL A 371 -4.74 25.00 12.20
CA VAL A 371 -3.71 25.30 11.23
C VAL A 371 -4.35 25.94 10.01
N ASP A 372 -3.57 26.75 9.30
CA ASP A 372 -4.03 27.41 8.08
C ASP A 372 -3.01 27.08 7.00
N HIS A 373 -2.48 25.87 7.09
CA HIS A 373 -1.47 25.36 6.17
C HIS A 373 -1.53 23.84 6.23
N GLN A 374 -0.95 23.18 5.25
CA GLN A 374 -0.92 21.72 5.17
C GLN A 374 -0.06 21.07 6.26
N THR A 375 -0.46 19.89 6.70
CA THR A 375 0.32 19.14 7.67
C THR A 375 0.75 17.82 7.04
N GLY A 376 0.74 16.74 7.80
CA GLY A 376 1.17 15.44 7.30
C GLY A 376 0.71 15.01 5.90
N PRO A 377 1.60 14.39 5.11
CA PRO A 377 1.25 13.94 3.76
C PRO A 377 0.76 12.49 3.77
N ILE A 378 0.23 12.06 2.63
CA ILE A 378 -0.23 10.70 2.48
C ILE A 378 0.99 9.88 2.06
N VAL A 379 1.35 8.89 2.86
CA VAL A 379 2.50 8.05 2.57
C VAL A 379 2.02 6.76 1.89
N TRP A 380 2.78 6.32 0.89
CA TRP A 380 2.42 5.11 0.15
C TRP A 380 3.62 4.57 -0.62
N GLY A 381 3.47 3.35 -1.15
CA GLY A 381 4.54 2.76 -1.93
C GLY A 381 4.60 1.24 -1.88
N GLU A 382 5.36 0.67 -2.82
CA GLU A 382 5.57 -0.77 -2.94
C GLU A 382 7.05 -1.03 -3.22
N PRO A 383 7.63 -2.18 -2.80
CA PRO A 383 9.04 -2.46 -3.05
C PRO A 383 9.40 -2.38 -4.52
N GLY A 384 10.69 -2.10 -4.69
CA GLY A 384 11.38 -1.83 -5.97
C GLY A 384 11.45 -3.02 -6.94
N THR A 385 11.30 -2.57 -8.19
CA THR A 385 11.31 -3.34 -9.46
C THR A 385 9.88 -3.74 -9.85
N ASN A 386 9.02 -3.88 -8.85
CA ASN A 386 7.60 -4.23 -9.09
C ASN A 386 6.79 -2.98 -9.42
N GLY A 387 7.08 -1.92 -8.66
CA GLY A 387 6.41 -0.62 -8.81
C GLY A 387 6.58 -0.10 -10.22
N GLN A 388 7.77 -0.29 -10.79
CA GLN A 388 8.07 0.15 -12.14
C GLN A 388 7.08 -0.37 -13.18
N HIS A 389 6.50 -1.52 -12.90
CA HIS A 389 5.56 -2.14 -13.81
C HIS A 389 4.13 -1.94 -13.35
N ALA A 390 3.94 -1.10 -12.34
CA ALA A 390 2.59 -0.87 -11.82
C ALA A 390 2.13 0.57 -11.79
N PHE A 391 2.84 1.42 -11.07
CA PHE A 391 2.42 2.81 -10.96
C PHE A 391 3.43 3.89 -11.33
N TYR A 392 4.67 3.51 -11.65
CA TYR A 392 5.67 4.50 -12.01
C TYR A 392 5.20 5.30 -13.23
N GLN A 393 4.34 4.69 -14.04
CA GLN A 393 3.80 5.37 -15.22
C GLN A 393 3.24 6.72 -14.81
N LEU A 394 2.49 6.75 -13.72
CA LEU A 394 1.90 7.99 -13.23
C LEU A 394 2.95 8.94 -12.66
N ILE A 395 3.97 8.38 -12.00
CA ILE A 395 5.03 9.20 -11.43
C ILE A 395 5.85 9.89 -12.52
N HIS A 396 6.06 9.18 -13.63
CA HIS A 396 6.83 9.70 -14.76
C HIS A 396 6.07 10.64 -15.70
N GLN A 397 4.85 10.26 -16.05
CA GLN A 397 4.07 11.08 -16.99
C GLN A 397 2.66 11.43 -16.54
N GLY A 398 2.46 11.50 -15.23
CA GLY A 398 1.15 11.87 -14.71
C GLY A 398 1.05 13.36 -14.54
N THR A 399 0.06 13.83 -13.79
CA THR A 399 -0.11 15.27 -13.56
C THR A 399 0.12 15.63 -12.10
N LYS A 400 0.78 14.74 -11.37
CA LYS A 400 1.06 14.96 -9.96
C LYS A 400 2.56 15.00 -9.64
N MET A 401 2.95 15.92 -8.77
CA MET A 401 4.34 16.00 -8.34
C MET A 401 4.39 15.06 -7.13
N ILE A 402 5.31 14.10 -7.15
CA ILE A 402 5.40 13.12 -6.08
C ILE A 402 6.82 12.88 -5.55
N PRO A 403 7.17 13.48 -4.40
CA PRO A 403 8.52 13.26 -3.87
C PRO A 403 8.66 11.77 -3.58
N CYS A 404 9.79 11.17 -3.98
CA CYS A 404 10.02 9.74 -3.75
C CYS A 404 11.33 9.46 -3.02
N ASP A 405 11.27 8.53 -2.08
CA ASP A 405 12.46 8.11 -1.36
C ASP A 405 12.77 6.71 -1.88
N PHE A 406 13.92 6.55 -2.53
CA PHE A 406 14.36 5.26 -3.05
C PHE A 406 15.39 4.68 -2.08
N LEU A 407 15.16 3.47 -1.59
CA LEU A 407 16.11 2.85 -0.66
C LEU A 407 16.58 1.49 -1.16
N ILE A 408 17.80 1.12 -0.82
CA ILE A 408 18.33 -0.17 -1.25
C ILE A 408 19.65 -0.53 -0.57
N PRO A 409 19.85 -1.82 -0.28
CA PRO A 409 21.11 -2.23 0.36
C PRO A 409 22.11 -2.60 -0.73
N VAL A 410 23.36 -2.18 -0.56
CA VAL A 410 24.40 -2.49 -1.52
C VAL A 410 24.61 -4.00 -1.58
N GLN A 411 24.63 -4.64 -0.41
CA GLN A 411 24.82 -6.08 -0.31
C GLN A 411 23.51 -6.82 -0.07
N THR A 412 23.24 -7.84 -0.90
CA THR A 412 22.01 -8.62 -0.77
C THR A 412 22.17 -9.82 0.15
N GLN A 413 21.08 -10.24 0.75
CA GLN A 413 21.08 -11.41 1.65
C GLN A 413 21.14 -12.70 0.83
N HIS A 414 20.82 -12.60 -0.46
CA HIS A 414 20.82 -13.77 -1.34
C HIS A 414 21.51 -13.47 -2.68
N PRO A 415 22.86 -13.49 -2.68
CA PRO A 415 23.63 -13.22 -3.91
C PRO A 415 23.64 -14.39 -4.88
N ILE A 416 22.45 -14.83 -5.30
CA ILE A 416 22.32 -15.94 -6.22
C ILE A 416 22.80 -15.56 -7.62
N ARG A 417 23.11 -16.57 -8.43
CA ARG A 417 23.58 -16.38 -9.79
C ARG A 417 24.80 -15.46 -9.80
N LYS A 418 25.65 -15.60 -8.79
CA LYS A 418 26.85 -14.79 -8.66
C LYS A 418 26.56 -13.29 -8.65
N GLY A 419 25.43 -12.92 -8.04
CA GLY A 419 25.05 -11.53 -7.93
C GLY A 419 24.33 -10.91 -9.13
N LEU A 420 23.93 -11.73 -10.09
CA LEU A 420 23.25 -11.22 -11.28
C LEU A 420 21.96 -10.49 -10.94
N HIS A 421 21.12 -11.10 -10.11
CA HIS A 421 19.85 -10.48 -9.74
C HIS A 421 20.03 -9.13 -9.05
N HIS A 422 20.93 -9.07 -8.07
CA HIS A 422 21.14 -7.82 -7.36
C HIS A 422 21.72 -6.74 -8.26
N LYS A 423 22.58 -7.13 -9.20
CA LYS A 423 23.18 -6.14 -10.10
C LYS A 423 22.09 -5.46 -10.91
N ILE A 424 21.11 -6.24 -11.35
CA ILE A 424 20.01 -5.72 -12.14
C ILE A 424 19.13 -4.83 -11.28
N LEU A 425 18.91 -5.26 -10.03
CA LEU A 425 18.09 -4.50 -9.10
C LEU A 425 18.71 -3.12 -8.89
N LEU A 426 20.02 -3.11 -8.66
CA LEU A 426 20.76 -1.87 -8.45
C LEU A 426 20.69 -0.95 -9.67
N ALA A 427 20.82 -1.55 -10.86
CA ALA A 427 20.78 -0.77 -12.10
C ALA A 427 19.43 -0.07 -12.26
N ASN A 428 18.36 -0.76 -11.88
CA ASN A 428 17.02 -0.20 -11.97
C ASN A 428 16.85 0.90 -10.92
N PHE A 429 17.36 0.63 -9.72
CA PHE A 429 17.29 1.61 -8.63
C PHE A 429 17.90 2.92 -9.11
N LEU A 430 19.11 2.82 -9.65
CA LEU A 430 19.84 3.99 -10.16
C LEU A 430 19.19 4.64 -11.37
N ALA A 431 18.81 3.82 -12.34
CA ALA A 431 18.20 4.30 -13.57
C ALA A 431 16.87 5.03 -13.38
N GLN A 432 16.06 4.59 -12.42
CA GLN A 432 14.78 5.24 -12.19
C GLN A 432 14.90 6.67 -11.68
N THR A 433 15.76 6.91 -10.69
CA THR A 433 15.92 8.27 -10.19
C THR A 433 16.59 9.13 -11.27
N GLU A 434 17.47 8.51 -12.06
CA GLU A 434 18.14 9.24 -13.14
C GLU A 434 17.09 9.68 -14.16
N ALA A 435 16.19 8.77 -14.51
CA ALA A 435 15.13 9.05 -15.47
C ALA A 435 14.18 10.14 -14.99
N LEU A 436 13.76 10.06 -13.74
CA LEU A 436 12.84 11.04 -13.17
C LEU A 436 13.44 12.45 -13.20
N MET A 437 14.76 12.52 -13.02
CA MET A 437 15.46 13.79 -13.01
C MET A 437 15.71 14.32 -14.42
N LYS A 438 16.28 13.46 -15.26
CA LYS A 438 16.64 13.78 -16.63
C LYS A 438 15.49 13.93 -17.63
N GLY A 439 14.57 12.96 -17.62
CA GLY A 439 13.47 13.02 -18.56
C GLY A 439 13.99 12.82 -19.97
N LYS A 440 13.18 13.18 -20.96
CA LYS A 440 13.56 13.07 -22.37
C LYS A 440 12.80 14.14 -23.14
N SER A 441 13.52 15.12 -23.70
CA SER A 441 12.90 16.22 -24.41
C SER A 441 12.24 15.84 -25.74
N THR A 442 11.40 16.74 -26.22
CA THR A 442 10.70 16.56 -27.48
C THR A 442 11.69 16.30 -28.61
N GLU A 443 12.78 17.07 -28.61
CA GLU A 443 13.80 16.94 -29.64
C GLU A 443 14.49 15.57 -29.56
N GLU A 444 14.83 15.14 -28.35
CA GLU A 444 15.48 13.84 -28.18
C GLU A 444 14.53 12.75 -28.66
N ALA A 445 13.26 12.89 -28.30
CA ALA A 445 12.26 11.91 -28.69
C ALA A 445 11.99 11.94 -30.19
N ARG A 446 12.11 13.12 -30.81
CA ARG A 446 11.88 13.23 -32.26
C ARG A 446 12.97 12.48 -33.02
N LYS A 447 14.22 12.66 -32.60
CA LYS A 447 15.34 11.98 -33.25
C LYS A 447 15.17 10.47 -33.19
N GLU A 448 14.76 9.97 -32.02
CA GLU A 448 14.56 8.53 -31.85
C GLU A 448 13.51 8.00 -32.81
N LEU A 449 12.39 8.72 -32.90
CA LEU A 449 11.30 8.31 -33.77
C LEU A 449 11.67 8.36 -35.24
N GLN A 450 12.40 9.39 -35.65
CA GLN A 450 12.80 9.51 -37.04
C GLN A 450 13.74 8.36 -37.40
N ALA A 451 14.56 7.95 -36.45
CA ALA A 451 15.49 6.85 -36.67
C ALA A 451 14.73 5.53 -36.79
N ALA A 452 13.47 5.54 -36.35
CA ALA A 452 12.63 4.34 -36.39
C ALA A 452 11.81 4.27 -37.68
N GLY A 453 12.14 5.10 -38.66
CA GLY A 453 11.43 5.09 -39.93
C GLY A 453 9.95 5.37 -39.85
N LYS A 454 9.55 6.27 -38.95
CA LYS A 454 8.15 6.61 -38.80
C LYS A 454 7.75 7.68 -39.81
N SER A 455 6.56 7.55 -40.39
CA SER A 455 6.09 8.53 -41.35
C SER A 455 5.78 9.80 -40.56
N PRO A 456 5.79 10.97 -41.23
CA PRO A 456 5.52 12.23 -40.53
C PRO A 456 4.17 12.22 -39.79
N GLU A 457 3.19 11.54 -40.36
CA GLU A 457 1.87 11.45 -39.74
C GLU A 457 1.97 10.61 -38.46
N ASP A 458 2.60 9.45 -38.57
CA ASP A 458 2.76 8.56 -37.43
C ASP A 458 3.74 9.11 -36.39
N LEU A 459 4.76 9.84 -36.84
CA LEU A 459 5.73 10.40 -35.91
C LEU A 459 5.05 11.46 -35.04
N MET A 460 4.29 12.34 -35.66
CA MET A 460 3.61 13.40 -34.93
C MET A 460 2.56 12.86 -33.95
N LYS A 461 1.84 11.81 -34.36
CA LYS A 461 0.81 11.24 -33.51
C LYS A 461 1.36 10.56 -32.25
N LEU A 462 2.58 10.04 -32.32
CA LEU A 462 3.18 9.35 -31.19
C LEU A 462 4.21 10.17 -30.41
N LEU A 463 4.83 11.14 -31.07
CA LEU A 463 5.86 11.97 -30.46
C LEU A 463 5.62 12.48 -29.04
N PRO A 464 4.55 13.27 -28.82
CA PRO A 464 4.30 13.78 -27.46
C PRO A 464 4.20 12.73 -26.36
N HIS A 465 3.67 11.55 -26.70
CA HIS A 465 3.50 10.45 -25.76
C HIS A 465 4.84 9.87 -25.33
N LYS A 466 5.88 10.16 -26.12
CA LYS A 466 7.23 9.65 -25.84
C LYS A 466 8.06 10.63 -25.05
N VAL A 467 7.53 11.83 -24.83
CA VAL A 467 8.25 12.85 -24.09
C VAL A 467 8.15 12.68 -22.58
N PHE A 468 9.28 12.78 -21.91
CA PHE A 468 9.34 12.70 -20.46
C PHE A 468 9.79 14.07 -19.96
N GLU A 469 8.88 14.84 -19.39
CA GLU A 469 9.23 16.16 -18.91
C GLU A 469 10.24 16.13 -17.77
N GLY A 470 10.30 15.01 -17.06
CA GLY A 470 11.25 14.87 -15.97
C GLY A 470 11.13 15.90 -14.86
N ASN A 471 12.28 16.31 -14.32
CA ASN A 471 12.35 17.28 -13.24
C ASN A 471 11.53 16.81 -12.03
N ARG A 472 11.50 15.50 -11.83
CA ARG A 472 10.79 14.90 -10.71
C ARG A 472 11.83 14.50 -9.67
N PRO A 473 11.80 15.16 -8.49
CA PRO A 473 12.70 14.97 -7.36
C PRO A 473 12.62 13.67 -6.56
N THR A 474 13.77 13.20 -6.11
CA THR A 474 13.87 11.97 -5.34
C THR A 474 15.03 12.02 -4.36
N ASN A 475 14.98 11.13 -3.37
CA ASN A 475 16.04 10.97 -2.40
C ASN A 475 16.50 9.54 -2.61
N SER A 476 17.80 9.31 -2.62
CA SER A 476 18.32 7.96 -2.75
C SER A 476 19.04 7.66 -1.46
N ILE A 477 18.56 6.64 -0.75
CA ILE A 477 19.16 6.23 0.51
C ILE A 477 19.76 4.84 0.34
N VAL A 478 21.09 4.78 0.27
CA VAL A 478 21.80 3.53 0.08
C VAL A 478 22.61 3.13 1.31
N PHE A 479 22.44 1.89 1.73
CA PHE A 479 23.16 1.39 2.89
C PHE A 479 23.90 0.10 2.55
N THR A 480 25.01 -0.15 3.27
CA THR A 480 25.83 -1.31 3.02
C THR A 480 25.08 -2.63 2.98
N LYS A 481 24.21 -2.85 3.97
CA LYS A 481 23.45 -4.08 4.04
C LYS A 481 22.29 -3.93 5.00
N LEU A 482 21.17 -4.58 4.71
CA LEU A 482 20.02 -4.49 5.58
C LEU A 482 20.13 -5.48 6.73
N THR A 483 20.83 -5.06 7.78
CA THR A 483 21.04 -5.86 8.97
C THR A 483 20.11 -5.34 10.06
N PRO A 484 20.07 -6.00 11.22
CA PRO A 484 19.20 -5.54 12.32
C PRO A 484 19.60 -4.14 12.76
N PHE A 485 20.90 -3.88 12.81
CA PHE A 485 21.42 -2.59 13.23
C PHE A 485 21.03 -1.48 12.24
N ILE A 486 21.32 -1.70 10.97
CA ILE A 486 21.02 -0.71 9.94
C ILE A 486 19.52 -0.46 9.87
N LEU A 487 18.72 -1.52 9.93
CA LEU A 487 17.28 -1.37 9.89
C LEU A 487 16.85 -0.48 11.06
N GLY A 488 17.42 -0.73 12.22
CA GLY A 488 17.10 0.06 13.39
C GLY A 488 17.40 1.53 13.17
N ALA A 489 18.52 1.80 12.51
CA ALA A 489 18.94 3.17 12.24
C ALA A 489 18.00 3.85 11.24
N LEU A 490 17.53 3.09 10.24
CA LEU A 490 16.64 3.65 9.22
C LEU A 490 15.27 4.00 9.78
N ILE A 491 14.73 3.14 10.63
CA ILE A 491 13.42 3.40 11.22
C ILE A 491 13.50 4.64 12.11
N ALA A 492 14.49 4.68 12.99
CA ALA A 492 14.67 5.82 13.90
C ALA A 492 14.84 7.11 13.09
N MET A 493 15.54 7.01 11.97
CA MET A 493 15.79 8.16 11.11
C MET A 493 14.48 8.81 10.67
N TYR A 494 13.54 7.99 10.22
CA TYR A 494 12.25 8.52 9.79
C TYR A 494 11.42 8.95 10.99
N GLU A 495 11.60 8.27 12.13
CA GLU A 495 10.86 8.65 13.32
C GLU A 495 11.18 10.11 13.64
N HIS A 496 12.45 10.47 13.54
CA HIS A 496 12.85 11.84 13.83
C HIS A 496 12.47 12.79 12.71
N LYS A 497 12.42 12.30 11.47
CA LYS A 497 12.02 13.17 10.36
C LYS A 497 10.61 13.64 10.71
N ILE A 498 9.78 12.69 11.11
CA ILE A 498 8.40 12.95 11.47
C ILE A 498 8.34 13.92 12.66
N PHE A 499 9.22 13.72 13.65
CA PHE A 499 9.27 14.58 14.82
C PHE A 499 9.56 16.02 14.41
N VAL A 500 10.56 16.21 13.58
CA VAL A 500 10.95 17.53 13.11
C VAL A 500 9.83 18.26 12.37
N GLN A 501 9.14 17.56 11.49
CA GLN A 501 8.05 18.18 10.74
C GLN A 501 6.93 18.59 11.69
N GLY A 502 6.68 17.76 12.69
CA GLY A 502 5.64 18.05 13.66
C GLY A 502 5.95 19.33 14.42
N VAL A 503 7.21 19.51 14.78
CA VAL A 503 7.64 20.71 15.51
C VAL A 503 7.47 21.93 14.62
N VAL A 504 7.90 21.83 13.36
CA VAL A 504 7.78 22.95 12.43
C VAL A 504 6.32 23.36 12.24
N TRP A 505 5.41 22.39 12.24
CA TRP A 505 3.98 22.66 12.07
C TRP A 505 3.31 23.00 13.40
N ASP A 506 4.07 22.85 14.48
CA ASP A 506 3.58 23.12 15.83
C ASP A 506 2.37 22.27 16.20
N ILE A 507 2.37 21.01 15.78
CA ILE A 507 1.29 20.09 16.10
C ILE A 507 1.85 19.05 17.06
N ASN A 508 0.97 18.25 17.67
CA ASN A 508 1.37 17.21 18.60
C ASN A 508 1.44 15.88 17.85
N SER A 509 2.65 15.51 17.45
CA SER A 509 2.88 14.29 16.70
C SER A 509 2.65 13.02 17.52
N PHE A 510 2.31 13.17 18.79
CA PHE A 510 2.26 11.96 19.62
C PHE A 510 0.92 11.57 20.24
N ASP A 511 -0.16 12.23 19.85
CA ASP A 511 -1.47 11.84 20.33
C ASP A 511 -2.25 11.31 19.13
N GLN A 512 -3.50 10.92 19.32
CA GLN A 512 -4.32 10.41 18.22
C GLN A 512 -5.80 10.44 18.57
N TRP A 513 -6.31 11.63 18.85
CA TRP A 513 -7.70 11.78 19.23
C TRP A 513 -8.65 11.53 18.06
N GLY A 514 -8.09 11.45 16.86
CA GLY A 514 -8.91 11.22 15.67
C GLY A 514 -9.54 9.85 15.54
N VAL A 515 -9.27 8.96 16.49
CA VAL A 515 -9.83 7.62 16.43
C VAL A 515 -11.11 7.45 17.26
N GLU A 516 -11.34 8.35 18.20
CA GLU A 516 -12.50 8.25 19.09
C GLU A 516 -13.88 8.22 18.46
N LEU A 517 -14.19 9.17 17.59
CA LEU A 517 -15.50 9.21 16.97
C LEU A 517 -15.92 7.88 16.35
N GLY A 518 -15.05 7.31 15.51
CA GLY A 518 -15.35 6.05 14.87
C GLY A 518 -15.65 4.95 15.88
N LYS A 519 -14.86 4.87 16.95
CA LYS A 519 -15.07 3.87 17.99
C LYS A 519 -16.42 4.03 18.66
N GLN A 520 -16.80 5.28 18.93
CA GLN A 520 -18.07 5.58 19.57
C GLN A 520 -19.26 5.15 18.73
N LEU A 521 -19.29 5.60 17.48
CA LEU A 521 -20.40 5.27 16.57
C LEU A 521 -20.50 3.78 16.29
N ALA A 522 -19.37 3.08 16.36
CA ALA A 522 -19.37 1.64 16.11
C ALA A 522 -20.05 0.92 17.27
N LYS A 523 -19.76 1.38 18.49
CA LYS A 523 -20.36 0.79 19.69
C LYS A 523 -21.88 0.95 19.70
N LYS A 524 -22.37 2.05 19.14
CA LYS A 524 -23.81 2.28 19.12
C LYS A 524 -24.51 1.48 18.02
N ILE A 525 -23.77 1.09 16.99
CA ILE A 525 -24.34 0.33 15.89
C ILE A 525 -24.40 -1.18 16.15
N GLU A 526 -23.36 -1.72 16.79
CA GLU A 526 -23.29 -3.14 17.08
C GLU A 526 -24.60 -3.75 17.58
N PRO A 527 -25.20 -3.17 18.63
CA PRO A 527 -26.46 -3.72 19.13
C PRO A 527 -27.62 -3.60 18.15
N GLU A 528 -27.56 -2.60 17.27
CA GLU A 528 -28.63 -2.38 16.30
C GLU A 528 -28.62 -3.40 15.17
N LEU A 529 -27.47 -4.00 14.92
CA LEU A 529 -27.35 -4.99 13.86
C LEU A 529 -28.14 -6.24 14.17
N ASP A 530 -28.30 -6.53 15.45
CA ASP A 530 -29.04 -7.71 15.89
C ASP A 530 -30.51 -7.63 15.46
N GLY A 531 -31.06 -8.77 15.06
CA GLY A 531 -32.46 -8.80 14.66
C GLY A 531 -32.71 -8.36 13.23
N SER A 532 -33.96 -8.49 12.78
CA SER A 532 -34.34 -8.11 11.44
C SER A 532 -35.14 -6.82 11.36
N SER A 533 -35.38 -6.19 12.50
CA SER A 533 -36.14 -4.94 12.51
C SER A 533 -35.31 -3.82 11.87
N PRO A 534 -35.95 -2.99 11.02
CA PRO A 534 -35.27 -1.88 10.35
C PRO A 534 -34.76 -0.83 11.32
N VAL A 535 -33.64 -0.20 10.98
CA VAL A 535 -33.07 0.85 11.80
C VAL A 535 -33.38 2.19 11.14
N THR A 536 -33.77 3.17 11.96
CA THR A 536 -34.12 4.50 11.44
C THR A 536 -33.52 5.60 12.32
N SER A 537 -32.62 5.21 13.22
CA SER A 537 -32.01 6.16 14.14
C SER A 537 -30.84 6.99 13.60
N HIS A 538 -30.34 6.66 12.42
CA HIS A 538 -29.21 7.41 11.85
C HIS A 538 -29.63 8.19 10.60
N ASP A 539 -28.63 8.71 9.89
CA ASP A 539 -28.88 9.44 8.65
C ASP A 539 -29.42 8.37 7.69
N SER A 540 -30.10 8.78 6.61
CA SER A 540 -30.66 7.83 5.66
C SER A 540 -29.65 6.85 5.05
N SER A 541 -28.40 7.28 4.90
CA SER A 541 -27.38 6.41 4.34
C SER A 541 -27.03 5.27 5.28
N THR A 542 -26.66 5.60 6.51
CA THR A 542 -26.31 4.59 7.49
C THR A 542 -27.52 3.68 7.71
N ASN A 543 -28.71 4.26 7.77
CA ASN A 543 -29.93 3.49 7.94
C ASN A 543 -30.10 2.52 6.77
N GLY A 544 -29.90 3.02 5.56
CA GLY A 544 -30.05 2.21 4.37
C GLY A 544 -29.06 1.07 4.25
N LEU A 545 -27.83 1.31 4.67
CA LEU A 545 -26.78 0.29 4.61
C LEU A 545 -27.08 -0.82 5.61
N ILE A 546 -27.44 -0.42 6.83
CA ILE A 546 -27.77 -1.36 7.87
C ILE A 546 -28.93 -2.26 7.43
N ASN A 547 -29.96 -1.65 6.86
CA ASN A 547 -31.12 -2.43 6.42
C ASN A 547 -30.77 -3.35 5.25
N PHE A 548 -29.85 -2.90 4.39
CA PHE A 548 -29.43 -3.74 3.26
C PHE A 548 -28.76 -4.98 3.86
N ILE A 549 -27.90 -4.75 4.85
CA ILE A 549 -27.18 -5.81 5.53
C ILE A 549 -28.13 -6.81 6.20
N LYS A 550 -29.13 -6.30 6.91
CA LYS A 550 -30.09 -7.16 7.59
C LYS A 550 -30.87 -8.00 6.58
N GLN A 551 -31.19 -7.40 5.43
CA GLN A 551 -31.94 -8.09 4.39
C GLN A 551 -31.11 -9.19 3.71
N GLN A 552 -29.85 -8.88 3.43
CA GLN A 552 -28.96 -9.83 2.75
C GLN A 552 -28.26 -10.82 3.68
N ARG A 553 -28.43 -10.63 4.98
CA ARG A 553 -27.81 -11.49 5.98
C ARG A 553 -28.08 -12.98 5.79
N GLU A 554 -29.29 -13.32 5.37
CA GLU A 554 -29.64 -14.72 5.16
C GLU A 554 -30.07 -15.04 3.74
N ALA A 555 -29.56 -14.26 2.77
CA ALA A 555 -29.89 -14.51 1.38
C ALA A 555 -29.04 -15.69 0.92
N LYS A 556 -29.65 -16.63 0.20
CA LYS A 556 -28.92 -17.81 -0.26
C LYS A 556 -28.44 -17.58 -1.70
N ILE A 557 -27.12 -17.63 -1.89
CA ILE A 557 -26.55 -17.43 -3.22
C ILE A 557 -26.53 -18.74 -4.01
N ALA B 2 -6.55 20.79 -25.16
CA ALA B 2 -7.13 19.67 -24.42
C ALA B 2 -8.66 19.70 -24.50
N ALA B 3 -9.22 18.60 -24.98
CA ALA B 3 -10.66 18.47 -25.15
C ALA B 3 -11.51 18.78 -23.91
N LEU B 4 -11.17 18.18 -22.78
CA LEU B 4 -11.96 18.41 -21.58
C LEU B 4 -12.16 19.88 -21.23
N THR B 5 -11.08 20.64 -21.16
CA THR B 5 -11.17 22.05 -20.80
C THR B 5 -11.97 22.89 -21.79
N ARG B 6 -12.12 22.40 -23.02
CA ARG B 6 -12.88 23.13 -24.03
C ARG B 6 -14.35 22.74 -23.99
N ASN B 7 -14.65 21.63 -23.32
CA ASN B 7 -16.03 21.18 -23.23
C ASN B 7 -16.88 22.18 -22.45
N PRO B 8 -18.06 22.54 -22.99
CA PRO B 8 -18.95 23.48 -22.30
C PRO B 8 -19.60 22.91 -21.04
N GLN B 9 -19.85 21.61 -21.03
CA GLN B 9 -20.45 20.99 -19.86
C GLN B 9 -19.44 21.01 -18.71
N PHE B 10 -18.16 20.89 -19.06
CA PHE B 10 -17.11 20.91 -18.05
C PHE B 10 -16.96 22.30 -17.45
N GLN B 11 -16.95 23.33 -18.29
CA GLN B 11 -16.81 24.70 -17.81
C GLN B 11 -17.97 25.07 -16.90
N LYS B 12 -19.18 24.66 -17.28
CA LYS B 12 -20.37 24.92 -16.49
C LYS B 12 -20.21 24.27 -15.11
N LEU B 13 -19.75 23.02 -15.11
CA LEU B 13 -19.53 22.27 -13.87
C LEU B 13 -18.52 23.01 -12.99
N GLN B 14 -17.42 23.40 -13.62
CA GLN B 14 -16.34 24.11 -12.96
C GLN B 14 -16.81 25.44 -12.37
N GLN B 15 -17.59 26.19 -13.14
CA GLN B 15 -18.10 27.48 -12.69
C GLN B 15 -19.03 27.31 -11.49
N TRP B 16 -19.88 26.28 -11.54
CA TRP B 16 -20.80 26.01 -10.45
C TRP B 16 -20.02 25.72 -9.18
N HIS B 17 -19.00 24.87 -9.30
CA HIS B 17 -18.17 24.50 -8.17
C HIS B 17 -17.51 25.69 -7.51
N ARG B 18 -16.97 26.60 -8.33
CA ARG B 18 -16.30 27.78 -7.79
C ARG B 18 -17.28 28.67 -7.04
N GLU B 19 -18.55 28.62 -7.43
CA GLU B 19 -19.57 29.44 -6.80
C GLU B 19 -20.30 28.81 -5.62
N HIS B 20 -20.47 27.49 -5.63
CA HIS B 20 -21.19 26.84 -4.53
C HIS B 20 -20.47 25.63 -3.92
N GLY B 21 -19.38 25.21 -4.53
CA GLY B 21 -18.64 24.06 -4.03
C GLY B 21 -18.42 24.01 -2.52
N SER B 22 -17.81 25.04 -1.97
CA SER B 22 -17.51 25.08 -0.54
C SER B 22 -18.74 25.17 0.38
N GLU B 23 -19.93 25.34 -0.21
CA GLU B 23 -21.13 25.45 0.59
C GLU B 23 -21.72 24.09 0.94
N LEU B 24 -21.41 23.08 0.13
CA LEU B 24 -21.90 21.73 0.35
C LEU B 24 -21.42 21.14 1.66
N ASN B 25 -22.36 20.76 2.52
CA ASN B 25 -22.03 20.16 3.80
C ASN B 25 -22.88 18.90 3.97
N LEU B 26 -22.23 17.75 3.92
CA LEU B 26 -22.91 16.47 4.05
C LEU B 26 -23.96 16.38 5.15
N ARG B 27 -23.56 16.72 6.38
CA ARG B 27 -24.46 16.67 7.52
C ARG B 27 -25.72 17.48 7.25
N HIS B 28 -25.54 18.66 6.67
CA HIS B 28 -26.66 19.54 6.35
C HIS B 28 -27.55 18.93 5.28
N LEU B 29 -26.91 18.37 4.24
CA LEU B 29 -27.63 17.73 3.15
C LEU B 29 -28.53 16.59 3.64
N PHE B 30 -28.00 15.75 4.53
CA PHE B 30 -28.79 14.65 5.06
C PHE B 30 -29.87 15.13 6.01
N ASP B 31 -29.55 16.13 6.82
CA ASP B 31 -30.51 16.68 7.77
C ASP B 31 -31.71 17.33 7.08
N THR B 32 -31.50 17.84 5.86
CA THR B 32 -32.57 18.50 5.13
C THR B 32 -33.18 17.70 3.98
N ASP B 33 -32.77 16.46 3.81
CA ASP B 33 -33.31 15.64 2.72
C ASP B 33 -33.44 14.16 3.09
N LYS B 34 -34.62 13.81 3.59
CA LYS B 34 -34.93 12.45 4.00
C LYS B 34 -34.81 11.43 2.87
N GLU B 35 -34.80 11.92 1.62
CA GLU B 35 -34.72 11.05 0.46
C GLU B 35 -33.30 10.90 -0.11
N ARG B 36 -32.31 11.43 0.60
CA ARG B 36 -30.94 11.37 0.10
C ARG B 36 -30.44 9.98 -0.26
N PHE B 37 -30.55 9.02 0.65
CA PHE B 37 -30.10 7.66 0.38
C PHE B 37 -30.79 7.08 -0.85
N ASN B 38 -32.11 7.24 -0.93
CA ASN B 38 -32.87 6.73 -2.06
C ASN B 38 -32.46 7.37 -3.37
N HIS B 39 -32.17 8.68 -3.32
CA HIS B 39 -31.78 9.42 -4.51
C HIS B 39 -30.33 9.20 -4.94
N PHE B 40 -29.48 8.75 -4.03
CA PHE B 40 -28.08 8.55 -4.38
C PHE B 40 -27.50 7.17 -4.04
N SER B 41 -28.26 6.13 -4.36
CA SER B 41 -27.82 4.77 -4.11
C SER B 41 -28.29 3.91 -5.28
N LEU B 42 -27.53 2.88 -5.59
CA LEU B 42 -27.86 1.99 -6.69
C LEU B 42 -27.75 0.54 -6.23
N THR B 43 -28.82 -0.22 -6.41
CA THR B 43 -28.83 -1.63 -6.01
C THR B 43 -28.84 -2.54 -7.22
N LEU B 44 -27.84 -3.40 -7.33
CA LEU B 44 -27.74 -4.32 -8.45
C LEU B 44 -28.00 -5.77 -8.04
N ASN B 45 -28.98 -6.40 -8.67
CA ASN B 45 -29.29 -7.80 -8.39
C ASN B 45 -28.69 -8.62 -9.53
N THR B 46 -27.62 -9.34 -9.26
CA THR B 46 -26.96 -10.14 -10.27
C THR B 46 -27.54 -11.54 -10.39
N ASN B 47 -28.51 -11.87 -9.54
CA ASN B 47 -29.12 -13.20 -9.51
C ASN B 47 -28.14 -14.16 -8.84
N HIS B 48 -26.98 -13.63 -8.48
CA HIS B 48 -25.94 -14.41 -7.82
C HIS B 48 -25.37 -13.59 -6.66
N GLY B 49 -26.21 -12.70 -6.14
CA GLY B 49 -25.80 -11.84 -5.04
C GLY B 49 -26.13 -10.40 -5.39
N HIS B 50 -26.36 -9.58 -4.38
CA HIS B 50 -26.67 -8.17 -4.61
C HIS B 50 -25.48 -7.27 -4.32
N ILE B 51 -25.39 -6.17 -5.05
CA ILE B 51 -24.33 -5.19 -4.84
C ILE B 51 -24.96 -3.82 -4.68
N LEU B 52 -24.77 -3.22 -3.51
CA LEU B 52 -25.31 -1.90 -3.24
C LEU B 52 -24.22 -0.85 -3.32
N LEU B 53 -24.39 0.11 -4.22
CA LEU B 53 -23.44 1.20 -4.37
C LEU B 53 -24.13 2.43 -3.79
N ASP B 54 -23.78 2.74 -2.54
CA ASP B 54 -24.35 3.89 -1.86
C ASP B 54 -23.36 5.03 -2.02
N TYR B 55 -23.70 6.00 -2.86
CA TYR B 55 -22.83 7.15 -3.08
C TYR B 55 -23.47 8.43 -2.56
N SER B 56 -24.39 8.27 -1.61
CA SER B 56 -25.08 9.41 -1.04
C SER B 56 -24.21 10.26 -0.12
N LYS B 57 -23.17 9.67 0.46
CA LYS B 57 -22.29 10.44 1.34
C LYS B 57 -21.23 11.18 0.55
N ASN B 58 -21.60 11.65 -0.64
CA ASN B 58 -20.68 12.40 -1.48
C ASN B 58 -21.14 13.86 -1.51
N LEU B 59 -20.22 14.77 -1.77
CA LEU B 59 -20.53 16.20 -1.82
C LEU B 59 -21.23 16.55 -3.11
N VAL B 60 -22.44 16.02 -3.30
CA VAL B 60 -23.20 16.28 -4.51
C VAL B 60 -24.68 16.50 -4.24
N THR B 61 -25.35 17.07 -5.24
CA THR B 61 -26.78 17.33 -5.18
C THR B 61 -27.33 16.82 -6.51
N GLU B 62 -28.65 16.75 -6.63
CA GLU B 62 -29.28 16.30 -7.86
C GLU B 62 -28.71 17.11 -9.02
N GLU B 63 -28.60 18.42 -8.79
CA GLU B 63 -28.06 19.33 -9.79
C GLU B 63 -26.62 18.99 -10.16
N VAL B 64 -25.80 18.64 -9.17
CA VAL B 64 -24.41 18.29 -9.47
C VAL B 64 -24.34 17.00 -10.27
N MET B 65 -25.12 15.99 -9.87
CA MET B 65 -25.13 14.72 -10.58
C MET B 65 -25.59 14.92 -12.02
N HIS B 66 -26.49 15.86 -12.23
CA HIS B 66 -27.01 16.15 -13.57
C HIS B 66 -25.90 16.75 -14.45
N MET B 67 -25.17 17.69 -13.90
CA MET B 67 -24.07 18.33 -14.63
C MET B 67 -23.00 17.28 -14.94
N LEU B 68 -22.74 16.41 -13.97
CA LEU B 68 -21.74 15.36 -14.15
C LEU B 68 -22.16 14.43 -15.28
N LEU B 69 -23.42 13.99 -15.27
CA LEU B 69 -23.91 13.10 -16.31
C LEU B 69 -23.94 13.78 -17.68
N ASP B 70 -24.26 15.07 -17.70
CA ASP B 70 -24.28 15.80 -18.96
C ASP B 70 -22.87 15.81 -19.56
N LEU B 71 -21.87 15.92 -18.70
CA LEU B 71 -20.48 15.95 -19.13
C LEU B 71 -20.07 14.59 -19.69
N ALA B 72 -20.46 13.52 -19.01
CA ALA B 72 -20.12 12.18 -19.48
C ALA B 72 -20.72 12.00 -20.88
N LYS B 73 -21.93 12.50 -21.06
CA LYS B 73 -22.60 12.39 -22.34
C LYS B 73 -21.88 13.23 -23.40
N SER B 74 -21.64 14.50 -23.09
CA SER B 74 -20.97 15.39 -24.04
C SER B 74 -19.56 14.93 -24.39
N ARG B 75 -18.93 14.13 -23.53
CA ARG B 75 -17.59 13.64 -23.80
C ARG B 75 -17.61 12.34 -24.60
N GLY B 76 -18.81 11.93 -25.02
CA GLY B 76 -18.96 10.72 -25.81
C GLY B 76 -18.60 9.40 -25.16
N VAL B 77 -18.94 9.24 -23.88
CA VAL B 77 -18.66 8.02 -23.15
C VAL B 77 -19.32 6.78 -23.77
N GLU B 78 -20.58 6.91 -24.15
CA GLU B 78 -21.30 5.79 -24.74
C GLU B 78 -20.71 5.35 -26.07
N ALA B 79 -20.37 6.31 -26.93
CA ALA B 79 -19.80 6.00 -28.23
C ALA B 79 -18.43 5.34 -28.08
N ALA B 80 -17.67 5.78 -27.07
CA ALA B 80 -16.35 5.22 -26.83
C ALA B 80 -16.49 3.79 -26.32
N ARG B 81 -17.50 3.57 -25.47
CA ARG B 81 -17.75 2.25 -24.92
C ARG B 81 -18.03 1.26 -26.05
N GLU B 82 -18.93 1.65 -26.96
CA GLU B 82 -19.27 0.79 -28.09
C GLU B 82 -18.06 0.47 -28.93
N SER B 83 -17.20 1.47 -29.15
CA SER B 83 -16.00 1.27 -29.94
C SER B 83 -15.11 0.22 -29.27
N MET B 84 -15.03 0.25 -27.95
CA MET B 84 -14.21 -0.73 -27.25
C MET B 84 -14.81 -2.12 -27.43
N PHE B 85 -16.09 -2.27 -27.09
CA PHE B 85 -16.76 -3.56 -27.21
C PHE B 85 -16.80 -4.09 -28.65
N ASN B 86 -16.84 -3.21 -29.64
CA ASN B 86 -16.88 -3.66 -31.02
C ASN B 86 -15.53 -4.01 -31.63
N GLY B 87 -14.48 -3.99 -30.82
CA GLY B 87 -13.17 -4.35 -31.33
C GLY B 87 -12.44 -3.28 -32.13
N GLU B 88 -12.90 -2.05 -32.07
CA GLU B 88 -12.23 -0.97 -32.78
C GLU B 88 -10.91 -0.72 -32.05
N LYS B 89 -9.91 -0.27 -32.78
CA LYS B 89 -8.57 -0.04 -32.21
C LYS B 89 -8.50 1.32 -31.52
N ILE B 90 -9.09 1.37 -30.33
CA ILE B 90 -9.15 2.60 -29.53
C ILE B 90 -7.79 2.89 -28.87
N ASN B 91 -6.96 1.87 -28.72
CA ASN B 91 -5.61 2.06 -28.21
C ASN B 91 -4.82 2.70 -29.36
N SER B 92 -5.09 3.98 -29.52
CA SER B 92 -4.59 4.79 -30.66
C SER B 92 -3.07 4.89 -30.79
N THR B 93 -2.35 5.06 -29.68
CA THR B 93 -0.88 5.23 -29.77
C THR B 93 -0.17 3.93 -30.19
N GLU B 94 -0.84 2.81 -30.02
CA GLU B 94 -0.25 1.51 -30.40
C GLU B 94 -1.05 0.88 -31.53
N ASP B 95 -2.15 1.54 -31.90
CA ASP B 95 -3.04 1.07 -32.95
C ASP B 95 -3.43 -0.39 -32.69
N ARG B 96 -4.08 -0.60 -31.56
CA ARG B 96 -4.53 -1.92 -31.15
C ARG B 96 -5.95 -1.85 -30.58
N ALA B 97 -6.64 -2.97 -30.62
CA ALA B 97 -7.98 -3.04 -30.07
C ALA B 97 -7.79 -3.21 -28.55
N VAL B 98 -8.85 -3.01 -27.82
CA VAL B 98 -8.87 -3.17 -26.36
C VAL B 98 -10.01 -4.12 -26.03
N LEU B 99 -9.69 -5.39 -25.87
CA LEU B 99 -10.76 -6.38 -25.70
C LEU B 99 -10.57 -7.34 -24.52
N HIS B 100 -10.41 -6.83 -23.31
CA HIS B 100 -10.39 -7.74 -22.16
C HIS B 100 -11.82 -8.24 -21.99
N VAL B 101 -12.79 -7.48 -22.50
CA VAL B 101 -14.20 -7.86 -22.42
C VAL B 101 -14.46 -9.12 -23.25
N ALA B 102 -13.69 -9.31 -24.31
CA ALA B 102 -13.86 -10.48 -25.16
C ALA B 102 -13.44 -11.73 -24.40
N LEU B 103 -12.45 -11.58 -23.52
CA LEU B 103 -11.94 -12.71 -22.74
C LEU B 103 -13.01 -13.35 -21.87
N ARG B 104 -13.98 -12.56 -21.42
CA ARG B 104 -15.04 -13.10 -20.58
C ARG B 104 -16.42 -12.98 -21.22
N ASN B 105 -16.44 -12.92 -22.55
CA ASN B 105 -17.70 -12.82 -23.28
C ASN B 105 -18.41 -14.17 -23.30
N ARG B 106 -19.03 -14.52 -22.17
CA ARG B 106 -19.73 -15.80 -22.02
C ARG B 106 -20.89 -15.95 -22.99
N SER B 107 -21.36 -14.83 -23.55
CA SER B 107 -22.48 -14.88 -24.50
C SER B 107 -21.98 -15.35 -25.87
N ASN B 108 -20.68 -15.23 -26.09
CA ASN B 108 -20.06 -15.65 -27.34
C ASN B 108 -20.52 -14.87 -28.56
N THR B 109 -21.12 -13.70 -28.35
CA THR B 109 -21.55 -12.88 -29.46
C THR B 109 -20.25 -12.49 -30.16
N PRO B 110 -20.21 -12.61 -31.49
CA PRO B 110 -18.98 -12.27 -32.22
C PRO B 110 -18.42 -10.86 -32.02
N ILE B 111 -17.09 -10.79 -31.95
CA ILE B 111 -16.37 -9.55 -31.80
C ILE B 111 -15.29 -9.66 -32.86
N VAL B 112 -15.45 -8.91 -33.95
CA VAL B 112 -14.52 -8.98 -35.07
C VAL B 112 -13.37 -8.00 -35.06
N VAL B 113 -12.16 -8.54 -35.25
CA VAL B 113 -10.94 -7.75 -35.31
C VAL B 113 -10.21 -8.17 -36.57
N ASP B 114 -9.94 -7.21 -37.45
CA ASP B 114 -9.26 -7.48 -38.71
C ASP B 114 -9.99 -8.53 -39.56
N GLY B 115 -11.32 -8.45 -39.58
CA GLY B 115 -12.10 -9.39 -40.37
C GLY B 115 -12.32 -10.78 -39.78
N LYS B 116 -11.92 -10.99 -38.53
CA LYS B 116 -12.11 -12.29 -37.90
C LYS B 116 -12.67 -12.20 -36.49
N ASP B 117 -13.59 -13.10 -36.17
CA ASP B 117 -14.19 -13.15 -34.85
C ASP B 117 -13.12 -13.70 -33.91
N VAL B 118 -12.91 -13.03 -32.78
CA VAL B 118 -11.89 -13.46 -31.82
C VAL B 118 -12.35 -14.52 -30.81
N MET B 119 -13.67 -14.67 -30.65
CA MET B 119 -14.18 -15.64 -29.70
C MET B 119 -13.67 -17.06 -29.91
N PRO B 120 -13.65 -17.54 -31.17
CA PRO B 120 -13.16 -18.90 -31.35
C PRO B 120 -11.78 -19.14 -30.73
N GLU B 121 -10.85 -18.20 -30.93
CA GLU B 121 -9.52 -18.36 -30.37
C GLU B 121 -9.53 -18.19 -28.84
N VAL B 122 -10.40 -17.31 -28.35
CA VAL B 122 -10.53 -17.08 -26.92
C VAL B 122 -10.98 -18.36 -26.22
N ASN B 123 -12.02 -19.00 -26.76
CA ASN B 123 -12.54 -20.22 -26.17
C ASN B 123 -11.62 -21.41 -26.35
N LYS B 124 -10.85 -21.42 -27.44
CA LYS B 124 -9.92 -22.52 -27.69
C LYS B 124 -8.89 -22.53 -26.57
N VAL B 125 -8.46 -21.35 -26.15
CA VAL B 125 -7.48 -21.23 -25.09
C VAL B 125 -8.09 -21.60 -23.74
N LEU B 126 -9.33 -21.21 -23.51
CA LEU B 126 -10.00 -21.54 -22.26
C LEU B 126 -10.13 -23.06 -22.14
N ASP B 127 -10.48 -23.72 -23.25
CA ASP B 127 -10.61 -25.18 -23.24
C ASP B 127 -9.26 -25.82 -22.96
N LYS B 128 -8.22 -25.28 -23.60
CA LYS B 128 -6.86 -25.80 -23.39
C LYS B 128 -6.50 -25.64 -21.91
N MET B 129 -6.85 -24.50 -21.34
CA MET B 129 -6.58 -24.20 -19.94
C MET B 129 -7.29 -25.20 -19.02
N LYS B 130 -8.58 -25.41 -19.28
CA LYS B 130 -9.35 -26.35 -18.47
C LYS B 130 -8.75 -27.76 -18.56
N ALA B 131 -8.46 -28.21 -19.78
CA ALA B 131 -7.90 -29.54 -19.97
C ALA B 131 -6.62 -29.72 -19.15
N PHE B 132 -5.72 -28.75 -19.25
CA PHE B 132 -4.46 -28.80 -18.51
C PHE B 132 -4.71 -28.81 -17.00
N CYS B 133 -5.61 -27.95 -16.55
CA CYS B 133 -5.95 -27.87 -15.13
C CYS B 133 -6.39 -29.21 -14.58
N GLN B 134 -7.30 -29.87 -15.29
CA GLN B 134 -7.83 -31.16 -14.86
C GLN B 134 -6.71 -32.16 -14.68
N ARG B 135 -5.80 -32.24 -15.65
CA ARG B 135 -4.66 -33.16 -15.58
C ARG B 135 -3.79 -32.91 -14.35
N VAL B 136 -3.43 -31.66 -14.12
CA VAL B 136 -2.59 -31.31 -12.98
C VAL B 136 -3.31 -31.51 -11.66
N ARG B 137 -4.56 -31.05 -11.59
CA ARG B 137 -5.35 -31.17 -10.37
C ARG B 137 -5.68 -32.62 -10.01
N SER B 138 -6.04 -33.41 -11.02
CA SER B 138 -6.40 -34.82 -10.78
C SER B 138 -5.17 -35.65 -10.46
N GLY B 139 -3.99 -35.11 -10.74
CA GLY B 139 -2.77 -35.85 -10.48
C GLY B 139 -2.33 -36.62 -11.71
N ASP B 140 -3.07 -36.44 -12.80
CA ASP B 140 -2.76 -37.11 -14.05
C ASP B 140 -1.40 -36.65 -14.59
N TRP B 141 -1.14 -35.36 -14.48
CA TRP B 141 0.12 -34.78 -14.93
C TRP B 141 1.21 -35.18 -13.93
N LYS B 142 2.25 -35.86 -14.42
CA LYS B 142 3.33 -36.32 -13.55
C LYS B 142 4.65 -35.60 -13.77
N GLY B 143 5.41 -35.47 -12.69
CA GLY B 143 6.71 -34.83 -12.77
C GLY B 143 7.71 -35.79 -13.41
N TYR B 144 8.95 -35.34 -13.60
CA TYR B 144 9.95 -36.18 -14.24
C TYR B 144 10.27 -37.46 -13.47
N THR B 145 9.70 -37.61 -12.27
CA THR B 145 9.93 -38.81 -11.46
C THR B 145 8.63 -39.55 -11.17
N GLY B 146 7.57 -39.21 -11.90
CA GLY B 146 6.30 -39.88 -11.72
C GLY B 146 5.45 -39.38 -10.57
N LYS B 147 5.87 -38.31 -9.92
CA LYS B 147 5.12 -37.74 -8.81
C LYS B 147 4.19 -36.65 -9.30
N THR B 148 3.03 -36.51 -8.67
CA THR B 148 2.08 -35.49 -9.06
C THR B 148 2.58 -34.11 -8.66
N ILE B 149 1.84 -33.08 -9.03
CA ILE B 149 2.20 -31.71 -8.75
C ILE B 149 1.56 -31.21 -7.46
N THR B 150 2.40 -30.75 -6.54
CA THR B 150 1.94 -30.23 -5.25
C THR B 150 2.09 -28.72 -5.18
N ASP B 151 2.94 -28.17 -6.04
CA ASP B 151 3.18 -26.73 -6.04
C ASP B 151 3.26 -26.12 -7.44
N VAL B 152 2.57 -25.00 -7.61
CA VAL B 152 2.53 -24.27 -8.86
C VAL B 152 3.16 -22.90 -8.62
N ILE B 153 4.21 -22.57 -9.35
CA ILE B 153 4.90 -21.29 -9.16
C ILE B 153 4.76 -20.37 -10.38
N ASN B 154 4.02 -19.28 -10.20
CA ASN B 154 3.84 -18.31 -11.26
C ASN B 154 4.98 -17.30 -11.25
N ILE B 155 5.72 -17.24 -12.35
CA ILE B 155 6.82 -16.29 -12.45
C ILE B 155 6.43 -15.22 -13.46
N GLY B 156 6.27 -14.00 -12.98
CA GLY B 156 5.88 -12.89 -13.83
C GLY B 156 5.88 -11.61 -13.02
N ILE B 157 5.70 -10.47 -13.68
CA ILE B 157 5.71 -9.20 -12.96
C ILE B 157 4.63 -8.26 -13.48
N GLY B 158 4.21 -7.33 -12.64
CA GLY B 158 3.19 -6.37 -13.04
C GLY B 158 1.89 -7.04 -13.44
N GLY B 159 1.45 -6.75 -14.67
CA GLY B 159 0.21 -7.33 -15.15
C GLY B 159 0.17 -8.85 -15.17
N SER B 160 1.34 -9.47 -15.30
CA SER B 160 1.41 -10.93 -15.33
C SER B 160 1.64 -11.50 -13.93
N ASP B 161 1.38 -10.67 -12.91
CA ASP B 161 1.57 -11.09 -11.54
C ASP B 161 0.44 -10.68 -10.59
N LEU B 162 0.27 -9.39 -10.40
CA LEU B 162 -0.72 -8.84 -9.48
C LEU B 162 -2.14 -9.39 -9.58
N GLY B 163 -2.64 -9.56 -10.81
CA GLY B 163 -3.99 -10.07 -10.99
C GLY B 163 -4.18 -11.43 -10.34
N PRO B 164 -3.51 -12.47 -10.86
CA PRO B 164 -3.65 -13.82 -10.29
C PRO B 164 -3.30 -13.88 -8.81
N LEU B 165 -2.35 -13.07 -8.37
CA LEU B 165 -1.97 -13.05 -6.96
C LEU B 165 -3.14 -12.54 -6.12
N MET B 166 -3.66 -11.38 -6.49
CA MET B 166 -4.77 -10.77 -5.76
C MET B 166 -6.01 -11.67 -5.73
N VAL B 167 -6.36 -12.24 -6.87
CA VAL B 167 -7.53 -13.11 -6.95
C VAL B 167 -7.34 -14.43 -6.22
N THR B 168 -6.17 -15.04 -6.29
CA THR B 168 -5.98 -16.30 -5.58
C THR B 168 -6.07 -16.04 -4.07
N GLU B 169 -5.61 -14.87 -3.64
CA GLU B 169 -5.67 -14.51 -2.22
C GLU B 169 -7.11 -14.25 -1.81
N ALA B 170 -7.84 -13.53 -2.67
CA ALA B 170 -9.22 -13.18 -2.41
C ALA B 170 -10.17 -14.39 -2.39
N LEU B 171 -9.85 -15.42 -3.17
CA LEU B 171 -10.69 -16.62 -3.24
C LEU B 171 -10.13 -17.86 -2.58
N LYS B 172 -9.30 -17.69 -1.55
CA LYS B 172 -8.73 -18.84 -0.85
C LYS B 172 -9.79 -19.86 -0.41
N PRO B 173 -10.94 -19.40 0.09
CA PRO B 173 -12.00 -20.31 0.53
C PRO B 173 -12.43 -21.31 -0.54
N TYR B 174 -12.20 -20.97 -1.80
CA TYR B 174 -12.59 -21.84 -2.91
C TYR B 174 -11.42 -22.59 -3.52
N SER B 175 -10.35 -22.77 -2.75
CA SER B 175 -9.16 -23.45 -3.26
C SER B 175 -8.92 -24.87 -2.73
N SER B 176 -9.89 -25.42 -2.00
CA SER B 176 -9.73 -26.77 -1.45
C SER B 176 -9.42 -27.79 -2.55
N GLY B 177 -8.34 -28.53 -2.36
CA GLY B 177 -7.96 -29.53 -3.34
C GLY B 177 -6.80 -29.12 -4.23
N GLY B 178 -6.91 -27.95 -4.86
CA GLY B 178 -5.85 -27.48 -5.73
C GLY B 178 -4.49 -27.46 -5.08
N PRO B 179 -3.40 -27.49 -5.87
CA PRO B 179 -2.05 -27.46 -5.32
C PRO B 179 -1.74 -26.08 -4.75
N ARG B 180 -0.65 -25.98 -4.00
CA ARG B 180 -0.25 -24.71 -3.43
C ARG B 180 0.22 -23.81 -4.57
N VAL B 181 -0.11 -22.53 -4.50
CA VAL B 181 0.30 -21.59 -5.53
C VAL B 181 1.25 -20.53 -4.99
N TRP B 182 2.33 -20.29 -5.72
CA TRP B 182 3.32 -19.29 -5.32
C TRP B 182 3.46 -18.26 -6.44
N PHE B 183 3.87 -17.05 -6.07
CA PHE B 183 4.06 -15.99 -7.04
C PHE B 183 5.42 -15.34 -6.88
N VAL B 184 6.25 -15.47 -7.90
CA VAL B 184 7.58 -14.86 -7.90
C VAL B 184 7.51 -13.74 -8.91
N SER B 185 7.98 -12.55 -8.54
CA SER B 185 7.91 -11.42 -9.44
C SER B 185 9.12 -10.50 -9.45
N ASN B 186 9.55 -10.08 -8.28
CA ASN B 186 10.69 -9.17 -8.18
C ASN B 186 11.97 -9.78 -8.74
N ILE B 187 12.82 -8.95 -9.31
CA ILE B 187 14.10 -9.40 -9.83
C ILE B 187 14.96 -9.65 -8.60
N ASP B 188 14.67 -8.91 -7.52
CA ASP B 188 15.39 -9.04 -6.27
C ASP B 188 15.52 -10.52 -5.96
N GLY B 189 16.75 -11.03 -6.05
CA GLY B 189 17.03 -12.44 -5.81
C GLY B 189 16.37 -13.06 -4.60
N THR B 190 16.01 -12.23 -3.63
CA THR B 190 15.36 -12.73 -2.43
C THR B 190 14.06 -13.45 -2.76
N HIS B 191 13.27 -12.86 -3.66
CA HIS B 191 11.98 -13.43 -4.04
C HIS B 191 12.03 -14.87 -4.55
N ILE B 192 12.90 -15.16 -5.52
CA ILE B 192 12.96 -16.52 -6.04
C ILE B 192 13.74 -17.46 -5.13
N ALA B 193 14.72 -16.90 -4.40
CA ALA B 193 15.53 -17.72 -3.50
C ALA B 193 14.70 -18.33 -2.38
N LYS B 194 13.91 -17.51 -1.70
CA LYS B 194 13.08 -18.01 -0.62
C LYS B 194 11.95 -18.90 -1.08
N THR B 195 11.55 -18.77 -2.34
CA THR B 195 10.48 -19.61 -2.87
C THR B 195 11.04 -21.00 -3.21
N LEU B 196 12.14 -21.03 -3.95
CA LEU B 196 12.76 -22.28 -4.34
C LEU B 196 13.20 -23.11 -3.13
N ALA B 197 13.51 -22.43 -2.03
CA ALA B 197 13.95 -23.12 -0.82
C ALA B 197 12.86 -23.99 -0.22
N CYS B 198 11.61 -23.72 -0.57
CA CYS B 198 10.48 -24.47 -0.04
C CYS B 198 9.88 -25.45 -1.06
N LEU B 199 10.59 -25.71 -2.14
CA LEU B 199 10.07 -26.61 -3.17
C LEU B 199 10.91 -27.83 -3.49
N ASN B 200 10.25 -28.83 -4.06
CA ASN B 200 10.89 -30.07 -4.47
C ASN B 200 10.77 -30.05 -5.99
N PRO B 201 11.89 -29.99 -6.71
CA PRO B 201 11.81 -29.97 -8.18
C PRO B 201 10.94 -31.07 -8.78
N GLU B 202 10.87 -32.21 -8.10
CA GLU B 202 10.09 -33.35 -8.58
C GLU B 202 8.58 -33.10 -8.64
N SER B 203 8.06 -32.25 -7.75
CA SER B 203 6.63 -31.98 -7.75
C SER B 203 6.29 -30.50 -7.95
N SER B 204 7.20 -29.75 -8.56
CA SER B 204 6.96 -28.32 -8.82
C SER B 204 6.69 -28.04 -10.29
N LEU B 205 5.69 -27.20 -10.54
CA LEU B 205 5.32 -26.81 -11.91
C LEU B 205 5.43 -25.30 -12.03
N PHE B 206 6.36 -24.83 -12.86
CA PHE B 206 6.55 -23.40 -13.04
C PHE B 206 5.76 -22.88 -14.22
N ILE B 207 5.15 -21.70 -14.04
CA ILE B 207 4.37 -21.04 -15.07
C ILE B 207 5.07 -19.73 -15.38
N ILE B 208 5.62 -19.61 -16.58
CA ILE B 208 6.29 -18.38 -16.97
C ILE B 208 5.27 -17.47 -17.65
N ALA B 209 4.82 -16.45 -16.93
CA ALA B 209 3.83 -15.52 -17.44
C ALA B 209 4.46 -14.24 -18.00
N SER B 210 4.40 -14.09 -19.32
CA SER B 210 4.96 -12.90 -19.95
C SER B 210 4.42 -12.74 -21.36
N LYS B 211 3.67 -11.66 -21.56
CA LYS B 211 3.09 -11.35 -22.86
C LYS B 211 4.15 -11.30 -23.94
N THR B 212 5.22 -10.54 -23.68
CA THR B 212 6.32 -10.39 -24.62
C THR B 212 7.32 -11.53 -24.51
N PHE B 213 7.50 -12.03 -23.29
CA PHE B 213 8.44 -13.08 -22.97
C PHE B 213 9.87 -12.59 -23.10
N THR B 214 10.05 -11.28 -22.96
CA THR B 214 11.38 -10.69 -23.04
C THR B 214 11.67 -9.79 -21.85
N THR B 215 10.67 -9.59 -20.99
CA THR B 215 10.84 -8.75 -19.81
C THR B 215 12.00 -9.31 -18.97
N GLN B 216 12.99 -8.47 -18.69
CA GLN B 216 14.18 -8.89 -17.96
C GLN B 216 13.96 -9.61 -16.63
N GLU B 217 13.12 -9.05 -15.76
CA GLU B 217 12.87 -9.69 -14.46
C GLU B 217 12.32 -11.09 -14.61
N THR B 218 11.26 -11.23 -15.40
CA THR B 218 10.62 -12.52 -15.61
C THR B 218 11.54 -13.54 -16.27
N ILE B 219 12.19 -13.17 -17.36
CA ILE B 219 13.07 -14.09 -18.05
C ILE B 219 14.25 -14.50 -17.15
N THR B 220 14.79 -13.55 -16.39
CA THR B 220 15.90 -13.87 -15.51
C THR B 220 15.45 -14.82 -14.40
N ASN B 221 14.28 -14.56 -13.81
CA ASN B 221 13.76 -15.42 -12.77
C ASN B 221 13.50 -16.80 -13.36
N ALA B 222 12.94 -16.82 -14.56
CA ALA B 222 12.64 -18.08 -15.25
C ALA B 222 13.91 -18.90 -15.43
N LYS B 223 14.96 -18.26 -15.96
CA LYS B 223 16.22 -18.95 -16.19
C LYS B 223 16.83 -19.46 -14.90
N THR B 224 16.68 -18.71 -13.81
CA THR B 224 17.21 -19.12 -12.52
C THR B 224 16.47 -20.34 -12.00
N ALA B 225 15.16 -20.39 -12.23
CA ALA B 225 14.35 -21.51 -11.79
C ALA B 225 14.71 -22.74 -12.62
N LYS B 226 14.88 -22.55 -13.91
CA LYS B 226 15.23 -23.65 -14.79
C LYS B 226 16.58 -24.26 -14.39
N ASP B 227 17.56 -23.41 -14.10
CA ASP B 227 18.87 -23.90 -13.69
C ASP B 227 18.73 -24.69 -12.39
N TRP B 228 18.01 -24.11 -11.44
CA TRP B 228 17.76 -24.75 -10.15
C TRP B 228 17.15 -26.13 -10.37
N PHE B 229 16.14 -26.18 -11.24
CA PHE B 229 15.45 -27.41 -11.56
C PHE B 229 16.38 -28.45 -12.18
N LEU B 230 17.04 -28.06 -13.28
CA LEU B 230 17.96 -28.96 -13.98
C LEU B 230 19.13 -29.41 -13.12
N LEU B 231 19.34 -28.70 -12.03
CA LEU B 231 20.43 -29.03 -11.11
C LEU B 231 20.23 -30.43 -10.57
N SER B 232 18.98 -30.74 -10.32
CA SER B 232 18.60 -32.03 -9.79
C SER B 232 18.21 -33.00 -10.93
N ALA B 233 17.31 -32.53 -11.79
CA ALA B 233 16.81 -33.32 -12.94
C ALA B 233 17.98 -33.75 -13.82
N LYS B 234 18.50 -32.80 -14.58
CA LYS B 234 19.71 -33.06 -15.36
C LYS B 234 19.58 -32.93 -16.87
N ASP B 235 18.63 -33.59 -17.43
CA ASP B 235 18.54 -33.62 -18.88
C ASP B 235 17.56 -32.55 -19.33
N PRO B 236 17.89 -31.79 -20.38
CA PRO B 236 17.05 -30.71 -20.84
C PRO B 236 15.65 -31.17 -21.20
N SER B 237 15.48 -32.48 -21.32
CA SER B 237 14.19 -33.08 -21.79
C SER B 237 13.06 -33.07 -20.74
N THR B 238 13.41 -32.98 -19.47
CA THR B 238 12.43 -33.02 -18.36
C THR B 238 11.71 -31.68 -18.17
N VAL B 239 12.30 -30.64 -18.71
CA VAL B 239 11.76 -29.27 -18.59
C VAL B 239 10.31 -29.19 -19.09
N ALA B 240 10.03 -29.95 -20.13
CA ALA B 240 8.71 -29.95 -20.77
C ALA B 240 7.60 -30.41 -19.81
N LYS B 241 7.99 -31.06 -18.73
CA LYS B 241 7.02 -31.59 -17.75
C LYS B 241 6.89 -30.68 -16.53
N HIS B 242 7.79 -29.70 -16.41
CA HIS B 242 7.76 -28.80 -15.26
C HIS B 242 7.65 -27.31 -15.57
N PHE B 243 7.64 -26.95 -16.86
CA PHE B 243 7.54 -25.55 -17.25
C PHE B 243 6.55 -25.32 -18.37
N VAL B 244 5.64 -24.35 -18.18
CA VAL B 244 4.67 -23.99 -19.18
C VAL B 244 4.75 -22.47 -19.32
N ALA B 245 4.20 -21.93 -20.38
CA ALA B 245 4.27 -20.49 -20.59
C ALA B 245 2.93 -19.90 -21.01
N LEU B 246 2.69 -18.72 -20.46
CA LEU B 246 1.54 -17.87 -20.79
C LEU B 246 2.07 -16.66 -21.53
N SER B 247 2.00 -16.70 -22.84
CA SER B 247 2.56 -15.61 -23.65
C SER B 247 1.92 -15.51 -25.04
N THR B 248 2.49 -14.59 -25.81
CA THR B 248 2.07 -14.32 -27.19
C THR B 248 3.27 -14.50 -28.10
N ASN B 249 4.46 -14.64 -27.51
CA ASN B 249 5.70 -14.79 -28.24
C ASN B 249 6.13 -16.24 -28.40
N THR B 250 5.62 -16.89 -29.44
CA THR B 250 5.92 -18.29 -29.70
C THR B 250 7.42 -18.56 -29.89
N ALA B 251 8.08 -17.72 -30.68
CA ALA B 251 9.51 -17.87 -30.94
C ALA B 251 10.36 -17.89 -29.67
N LYS B 252 10.12 -16.93 -28.80
CA LYS B 252 10.88 -16.85 -27.55
C LYS B 252 10.57 -18.00 -26.61
N VAL B 253 9.28 -18.36 -26.51
CA VAL B 253 8.88 -19.47 -25.66
C VAL B 253 9.65 -20.72 -26.08
N LYS B 254 9.73 -20.96 -27.39
CA LYS B 254 10.46 -22.12 -27.89
C LYS B 254 11.93 -21.94 -27.56
N GLU B 255 12.43 -20.73 -27.78
CA GLU B 255 13.83 -20.43 -27.52
C GLU B 255 14.21 -20.74 -26.08
N PHE B 256 13.27 -20.55 -25.17
CA PHE B 256 13.50 -20.80 -23.74
C PHE B 256 13.63 -22.28 -23.42
N GLY B 257 12.93 -23.13 -24.17
CA GLY B 257 13.01 -24.55 -23.91
C GLY B 257 11.65 -25.17 -23.69
N ILE B 258 10.62 -24.34 -23.81
CA ILE B 258 9.24 -24.79 -23.65
C ILE B 258 8.69 -25.00 -25.05
N ASP B 259 8.13 -26.17 -25.27
CA ASP B 259 7.55 -26.51 -26.57
C ASP B 259 6.11 -26.02 -26.64
N PRO B 260 5.55 -25.70 -27.82
CA PRO B 260 4.19 -25.23 -27.91
C PRO B 260 3.29 -26.29 -27.33
N GLN B 261 2.03 -25.95 -27.20
CA GLN B 261 1.04 -26.87 -26.63
C GLN B 261 1.18 -26.84 -25.11
N ASN B 262 2.28 -26.24 -24.71
CA ASN B 262 2.63 -26.02 -23.30
C ASN B 262 2.59 -24.52 -23.06
N MET B 263 2.26 -23.86 -24.14
CA MET B 263 2.12 -22.41 -24.22
C MET B 263 0.65 -22.04 -24.39
N PHE B 264 0.14 -21.35 -23.40
CA PHE B 264 -1.23 -20.83 -23.43
C PHE B 264 -1.14 -19.38 -23.84
N GLU B 265 -1.63 -19.08 -25.03
CA GLU B 265 -1.53 -17.73 -25.56
C GLU B 265 -2.70 -16.80 -25.33
N PHE B 266 -2.41 -15.51 -25.44
CA PHE B 266 -3.41 -14.46 -25.39
C PHE B 266 -3.05 -13.53 -26.54
N TRP B 267 -3.62 -12.33 -26.61
CA TRP B 267 -3.36 -11.47 -27.75
C TRP B 267 -2.97 -10.04 -27.43
N ASP B 268 -2.44 -9.33 -28.42
CA ASP B 268 -2.02 -7.95 -28.20
C ASP B 268 -3.12 -7.02 -27.70
N TRP B 269 -4.39 -7.35 -27.95
CA TRP B 269 -5.48 -6.49 -27.47
C TRP B 269 -5.83 -6.77 -26.01
N VAL B 270 -5.01 -7.59 -25.37
CA VAL B 270 -5.20 -7.92 -23.96
C VAL B 270 -4.12 -7.16 -23.18
N GLY B 271 -4.47 -6.03 -22.59
CA GLY B 271 -3.49 -5.27 -21.83
C GLY B 271 -3.07 -6.01 -20.57
N GLY B 272 -1.77 -6.02 -20.30
CA GLY B 272 -1.27 -6.72 -19.12
C GLY B 272 -2.08 -6.47 -17.87
N ARG B 273 -2.33 -5.19 -17.56
CA ARG B 273 -3.08 -4.86 -16.36
C ARG B 273 -4.58 -5.21 -16.45
N TYR B 274 -4.97 -5.86 -17.54
CA TYR B 274 -6.35 -6.29 -17.75
C TYR B 274 -6.34 -7.73 -18.26
N SER B 275 -5.28 -8.47 -17.92
CA SER B 275 -5.07 -9.82 -18.49
C SER B 275 -5.37 -11.01 -17.55
N LEU B 276 -5.83 -10.79 -16.33
CA LEU B 276 -6.08 -11.93 -15.42
C LEU B 276 -7.19 -12.83 -15.97
N TRP B 277 -8.00 -12.27 -16.87
CA TRP B 277 -9.11 -13.01 -17.46
C TRP B 277 -8.70 -13.91 -18.64
N SER B 278 -7.46 -13.80 -19.08
CA SER B 278 -6.96 -14.60 -20.19
C SER B 278 -6.13 -15.75 -19.65
N ALA B 279 -5.24 -16.28 -20.50
CA ALA B 279 -4.35 -17.37 -20.11
C ALA B 279 -3.55 -17.00 -18.87
N ILE B 280 -3.39 -15.70 -18.63
CA ILE B 280 -2.65 -15.22 -17.48
C ILE B 280 -3.31 -15.68 -16.17
N GLY B 281 -4.58 -16.03 -16.25
CA GLY B 281 -5.28 -16.48 -15.06
C GLY B 281 -5.15 -17.98 -14.79
N LEU B 282 -4.26 -18.65 -15.49
CA LEU B 282 -4.07 -20.09 -15.28
C LEU B 282 -3.84 -20.46 -13.82
N SER B 283 -3.01 -19.69 -13.12
CA SER B 283 -2.73 -19.97 -11.71
C SER B 283 -4.00 -19.89 -10.89
N ILE B 284 -4.93 -19.04 -11.31
CA ILE B 284 -6.21 -18.92 -10.58
C ILE B 284 -7.03 -20.18 -10.81
N ALA B 285 -7.10 -20.62 -12.06
CA ALA B 285 -7.85 -21.82 -12.41
C ALA B 285 -7.29 -23.03 -11.69
N LEU B 286 -5.96 -23.15 -11.68
CA LEU B 286 -5.31 -24.27 -11.01
C LEU B 286 -5.60 -24.29 -9.51
N HIS B 287 -5.66 -23.10 -8.91
CA HIS B 287 -5.90 -22.98 -7.48
C HIS B 287 -7.34 -23.21 -7.01
N VAL B 288 -8.31 -22.63 -7.72
CA VAL B 288 -9.72 -22.78 -7.33
C VAL B 288 -10.57 -23.60 -8.29
N GLY B 289 -9.94 -24.18 -9.30
CA GLY B 289 -10.67 -24.99 -10.26
C GLY B 289 -11.27 -24.16 -11.38
N PHE B 290 -11.52 -24.80 -12.53
CA PHE B 290 -12.05 -24.08 -13.67
C PHE B 290 -13.49 -23.59 -13.51
N ASP B 291 -14.33 -24.34 -12.79
CA ASP B 291 -15.72 -23.92 -12.57
C ASP B 291 -15.74 -22.55 -11.89
N ASN B 292 -14.89 -22.40 -10.87
CA ASN B 292 -14.81 -21.15 -10.14
C ASN B 292 -14.23 -20.05 -11.03
N PHE B 293 -13.28 -20.41 -11.88
CA PHE B 293 -12.68 -19.45 -12.79
C PHE B 293 -13.75 -18.92 -13.76
N GLU B 294 -14.60 -19.82 -14.24
CA GLU B 294 -15.66 -19.40 -15.16
C GLU B 294 -16.67 -18.54 -14.43
N GLN B 295 -16.79 -18.76 -13.12
CA GLN B 295 -17.71 -17.95 -12.33
C GLN B 295 -17.12 -16.54 -12.27
N LEU B 296 -15.80 -16.48 -12.14
CA LEU B 296 -15.10 -15.19 -12.08
C LEU B 296 -15.34 -14.45 -13.40
N LEU B 297 -15.18 -15.16 -14.52
CA LEU B 297 -15.39 -14.55 -15.83
C LEU B 297 -16.84 -14.15 -16.00
N SER B 298 -17.76 -14.99 -15.52
CA SER B 298 -19.17 -14.71 -15.64
C SER B 298 -19.53 -13.44 -14.88
N GLY B 299 -18.93 -13.26 -13.70
CA GLY B 299 -19.22 -12.08 -12.90
C GLY B 299 -18.84 -10.82 -13.65
N ALA B 300 -17.69 -10.84 -14.29
CA ALA B 300 -17.20 -9.70 -15.05
C ALA B 300 -18.10 -9.45 -16.26
N HIS B 301 -18.49 -10.54 -16.93
CA HIS B 301 -19.35 -10.43 -18.10
C HIS B 301 -20.67 -9.76 -17.69
N TRP B 302 -21.18 -10.12 -16.53
CA TRP B 302 -22.42 -9.54 -16.04
C TRP B 302 -22.23 -8.02 -15.92
N MET B 303 -21.14 -7.61 -15.31
CA MET B 303 -20.86 -6.20 -15.13
C MET B 303 -20.66 -5.52 -16.49
N ASP B 304 -20.03 -6.22 -17.42
CA ASP B 304 -19.82 -5.66 -18.76
C ASP B 304 -21.18 -5.34 -19.37
N GLN B 305 -22.12 -6.26 -19.17
CA GLN B 305 -23.47 -6.08 -19.69
C GLN B 305 -24.19 -4.91 -19.01
N HIS B 306 -24.01 -4.79 -17.70
CA HIS B 306 -24.64 -3.71 -16.96
C HIS B 306 -24.08 -2.38 -17.46
N PHE B 307 -22.78 -2.33 -17.70
CA PHE B 307 -22.12 -1.12 -18.18
C PHE B 307 -22.60 -0.73 -19.57
N ARG B 308 -22.79 -1.73 -20.43
CA ARG B 308 -23.20 -1.48 -21.81
C ARG B 308 -24.67 -1.16 -22.04
N THR B 309 -25.55 -1.76 -21.24
CA THR B 309 -26.99 -1.57 -21.42
C THR B 309 -27.73 -0.60 -20.50
N THR B 310 -27.06 -0.10 -19.46
CA THR B 310 -27.70 0.79 -18.50
C THR B 310 -27.56 2.28 -18.79
N PRO B 311 -28.66 3.04 -18.64
CA PRO B 311 -28.64 4.48 -18.87
C PRO B 311 -27.59 5.07 -17.95
N LEU B 312 -26.79 6.00 -18.45
CA LEU B 312 -25.72 6.61 -17.66
C LEU B 312 -26.09 6.91 -16.21
N GLU B 313 -27.25 7.54 -15.99
CA GLU B 313 -27.69 7.92 -14.65
C GLU B 313 -27.84 6.78 -13.63
N LYS B 314 -27.85 5.54 -14.08
CA LYS B 314 -27.97 4.39 -13.19
C LYS B 314 -26.85 3.41 -13.47
N ASN B 315 -25.85 3.86 -14.22
CA ASN B 315 -24.70 3.05 -14.60
C ASN B 315 -23.60 3.11 -13.54
N ALA B 316 -23.45 2.04 -12.76
CA ALA B 316 -22.46 1.99 -11.68
C ALA B 316 -21.07 2.52 -12.01
N PRO B 317 -20.38 1.91 -12.99
CA PRO B 317 -19.03 2.42 -13.30
C PRO B 317 -18.98 3.87 -13.78
N VAL B 318 -20.06 4.34 -14.40
CA VAL B 318 -20.10 5.72 -14.87
C VAL B 318 -20.23 6.66 -13.69
N LEU B 319 -21.13 6.34 -12.78
CA LEU B 319 -21.34 7.15 -11.59
C LEU B 319 -20.04 7.22 -10.76
N LEU B 320 -19.41 6.06 -10.57
CA LEU B 320 -18.15 6.01 -9.82
C LEU B 320 -17.13 6.91 -10.49
N ALA B 321 -17.04 6.80 -11.81
CA ALA B 321 -16.11 7.58 -12.61
C ALA B 321 -16.32 9.09 -12.48
N MET B 322 -17.54 9.55 -12.72
CA MET B 322 -17.84 10.97 -12.65
C MET B 322 -17.70 11.57 -11.25
N LEU B 323 -17.97 10.78 -10.21
CA LEU B 323 -17.80 11.29 -8.86
C LEU B 323 -16.31 11.56 -8.68
N GLY B 324 -15.49 10.69 -9.26
CA GLY B 324 -14.04 10.85 -9.16
C GLY B 324 -13.60 12.10 -9.90
N ILE B 325 -14.18 12.34 -11.08
CA ILE B 325 -13.85 13.51 -11.87
C ILE B 325 -14.17 14.75 -11.04
N TRP B 326 -15.32 14.72 -10.37
CA TRP B 326 -15.78 15.82 -9.50
C TRP B 326 -14.70 16.15 -8.47
N TYR B 327 -14.20 15.14 -7.77
CA TYR B 327 -13.18 15.37 -6.74
C TYR B 327 -11.81 15.69 -7.30
N ILE B 328 -11.47 15.11 -8.44
CA ILE B 328 -10.16 15.34 -9.06
C ILE B 328 -10.05 16.69 -9.77
N ASN B 329 -10.95 16.95 -10.71
CA ASN B 329 -10.88 18.18 -11.49
C ASN B 329 -11.57 19.42 -10.91
N CYS B 330 -12.40 19.25 -9.89
CA CYS B 330 -13.06 20.40 -9.28
C CYS B 330 -12.56 20.66 -7.87
N PHE B 331 -12.45 19.62 -7.06
CA PHE B 331 -11.94 19.80 -5.70
C PHE B 331 -10.42 19.71 -5.64
N GLY B 332 -9.83 19.11 -6.67
CA GLY B 332 -8.37 18.99 -6.73
C GLY B 332 -7.75 17.93 -5.84
N CYS B 333 -8.51 16.89 -5.53
CA CYS B 333 -8.01 15.81 -4.69
C CYS B 333 -7.02 14.93 -5.45
N GLU B 334 -5.82 14.78 -4.89
CA GLU B 334 -4.76 13.99 -5.51
C GLU B 334 -4.92 12.48 -5.41
N THR B 335 -5.57 11.99 -4.35
CA THR B 335 -5.68 10.55 -4.18
C THR B 335 -7.08 9.95 -4.09
N GLN B 336 -7.11 8.63 -4.16
CA GLN B 336 -8.34 7.84 -4.07
C GLN B 336 -8.02 6.65 -3.18
N ALA B 337 -8.70 6.56 -2.04
CA ALA B 337 -8.46 5.46 -1.12
C ALA B 337 -9.43 4.32 -1.35
N VAL B 338 -8.91 3.10 -1.32
CA VAL B 338 -9.70 1.88 -1.50
C VAL B 338 -9.54 1.13 -0.18
N LEU B 339 -10.64 1.01 0.55
CA LEU B 339 -10.61 0.40 1.86
C LEU B 339 -11.58 -0.75 2.01
N PRO B 340 -11.17 -1.96 1.60
CA PRO B 340 -12.04 -3.13 1.72
C PRO B 340 -11.98 -3.72 3.12
N TYR B 341 -13.14 -3.92 3.75
CA TYR B 341 -13.17 -4.52 5.07
C TYR B 341 -13.26 -6.02 4.88
N ASP B 342 -12.14 -6.59 4.46
CA ASP B 342 -12.03 -8.00 4.18
C ASP B 342 -10.54 -8.33 4.06
N GLN B 343 -10.10 -9.27 4.90
CA GLN B 343 -8.70 -9.69 4.92
C GLN B 343 -8.32 -10.36 3.60
N TYR B 344 -9.25 -11.08 3.01
CA TYR B 344 -8.97 -11.76 1.74
C TYR B 344 -8.65 -10.78 0.62
N LEU B 345 -9.18 -9.56 0.73
CA LEU B 345 -8.94 -8.53 -0.28
C LEU B 345 -7.74 -7.66 0.07
N HIS B 346 -6.80 -8.19 0.84
CA HIS B 346 -5.63 -7.42 1.25
C HIS B 346 -4.74 -6.90 0.11
N ARG B 347 -4.91 -7.42 -1.10
CA ARG B 347 -4.09 -6.94 -2.22
C ARG B 347 -4.97 -6.26 -3.27
N PHE B 348 -6.24 -6.04 -2.93
CA PHE B 348 -7.19 -5.41 -3.83
C PHE B 348 -6.78 -3.99 -4.19
N ALA B 349 -6.46 -3.19 -3.16
CA ALA B 349 -6.06 -1.82 -3.37
C ALA B 349 -4.81 -1.76 -4.25
N ALA B 350 -3.85 -2.63 -3.96
CA ALA B 350 -2.61 -2.68 -4.73
C ALA B 350 -2.86 -3.03 -6.19
N TYR B 351 -3.85 -3.88 -6.44
CA TYR B 351 -4.17 -4.27 -7.81
C TYR B 351 -4.66 -3.07 -8.63
N PHE B 352 -5.52 -2.26 -8.03
CA PHE B 352 -6.03 -1.10 -8.75
C PHE B 352 -5.08 0.08 -8.72
N GLN B 353 -4.04 -0.04 -7.90
CA GLN B 353 -3.04 1.00 -7.84
C GLN B 353 -2.39 0.94 -9.23
N GLN B 354 -2.15 -0.29 -9.70
CA GLN B 354 -1.58 -0.48 -11.03
C GLN B 354 -2.63 -0.26 -12.11
N GLY B 355 -3.77 -0.94 -11.97
CA GLY B 355 -4.83 -0.83 -12.96
C GLY B 355 -5.28 0.58 -13.26
N ASP B 356 -5.38 1.40 -12.22
CA ASP B 356 -5.82 2.78 -12.35
C ASP B 356 -4.66 3.73 -12.73
N MET B 357 -3.64 3.77 -11.90
CA MET B 357 -2.50 4.65 -12.14
C MET B 357 -1.73 4.41 -13.43
N GLU B 358 -1.52 3.15 -13.80
CA GLU B 358 -0.79 2.89 -15.03
C GLU B 358 -1.67 3.19 -16.25
N SER B 359 -2.99 3.11 -16.07
CA SER B 359 -3.91 3.39 -17.16
C SER B 359 -4.13 4.88 -17.36
N ASN B 360 -4.44 5.61 -16.29
CA ASN B 360 -4.71 7.04 -16.40
C ASN B 360 -3.64 8.04 -15.91
N GLY B 361 -2.45 7.55 -15.62
CA GLY B 361 -1.36 8.44 -15.20
C GLY B 361 -0.74 8.93 -16.51
N LYS B 362 -1.47 9.78 -17.21
CA LYS B 362 -1.06 10.30 -18.51
C LYS B 362 -1.20 11.83 -18.58
N TYR B 363 -0.48 12.46 -19.51
CA TYR B 363 -0.56 13.92 -19.64
C TYR B 363 -0.71 14.40 -21.08
N ILE B 364 -0.91 13.46 -22.01
CA ILE B 364 -1.10 13.79 -23.42
C ILE B 364 -2.43 13.20 -23.89
N THR B 365 -3.25 14.01 -24.56
CA THR B 365 -4.55 13.57 -25.06
C THR B 365 -4.45 12.83 -26.39
N LYS B 366 -5.54 12.19 -26.80
CA LYS B 366 -5.56 11.43 -28.04
C LYS B 366 -5.27 12.31 -29.26
N SER B 367 -5.46 13.61 -29.10
CA SER B 367 -5.21 14.56 -30.19
C SER B 367 -3.78 15.07 -30.16
N GLY B 368 -3.02 14.64 -29.16
CA GLY B 368 -1.63 15.08 -29.06
C GLY B 368 -1.43 16.30 -28.19
N ALA B 369 -2.53 16.91 -27.75
CA ALA B 369 -2.44 18.10 -26.90
C ALA B 369 -2.03 17.71 -25.47
N ARG B 370 -1.31 18.60 -24.80
CA ARG B 370 -0.89 18.33 -23.43
C ARG B 370 -2.05 18.73 -22.54
N VAL B 371 -2.43 17.87 -21.61
CA VAL B 371 -3.54 18.20 -20.72
C VAL B 371 -3.21 19.45 -19.91
N ASP B 372 -4.24 20.24 -19.62
CA ASP B 372 -4.08 21.44 -18.82
C ASP B 372 -5.02 21.28 -17.63
N HIS B 373 -5.18 20.02 -17.21
CA HIS B 373 -6.04 19.66 -16.09
C HIS B 373 -5.51 18.36 -15.48
N GLN B 374 -5.99 18.00 -14.29
CA GLN B 374 -5.53 16.78 -13.64
C GLN B 374 -6.06 15.53 -14.31
N THR B 375 -5.30 14.44 -14.21
CA THR B 375 -5.73 13.16 -14.75
C THR B 375 -5.78 12.16 -13.60
N GLY B 376 -5.41 10.91 -13.86
CA GLY B 376 -5.45 9.87 -12.84
C GLY B 376 -4.94 10.23 -11.46
N PRO B 377 -5.63 9.77 -10.40
CA PRO B 377 -5.24 10.03 -9.02
C PRO B 377 -4.31 8.94 -8.50
N ILE B 378 -3.69 9.19 -7.36
CA ILE B 378 -2.81 8.23 -6.73
C ILE B 378 -3.74 7.31 -5.94
N VAL B 379 -3.75 6.03 -6.27
CA VAL B 379 -4.61 5.06 -5.58
C VAL B 379 -3.83 4.36 -4.45
N TRP B 380 -4.49 4.19 -3.31
CA TRP B 380 -3.84 3.55 -2.15
C TRP B 380 -4.85 3.06 -1.12
N GLY B 381 -4.34 2.34 -0.13
CA GLY B 381 -5.19 1.83 0.96
C GLY B 381 -4.73 0.46 1.49
N GLU B 382 -5.38 0.13 2.59
CA GLU B 382 -5.19 -1.12 3.32
C GLU B 382 -6.54 -1.60 3.84
N PRO B 383 -6.67 -2.89 4.12
CA PRO B 383 -7.93 -3.41 4.61
C PRO B 383 -8.32 -2.77 5.92
N GLY B 384 -9.67 -2.75 6.11
CA GLY B 384 -10.34 -2.21 7.33
C GLY B 384 -10.49 -3.44 8.25
N THR B 385 -10.26 -3.38 9.54
CA THR B 385 -10.31 -2.24 10.45
C THR B 385 -8.90 -1.74 10.75
N ASN B 386 -7.90 -2.50 10.29
CA ASN B 386 -6.51 -2.14 10.51
C ASN B 386 -6.20 -0.68 10.19
N GLY B 387 -6.71 -0.19 9.07
CA GLY B 387 -6.47 1.19 8.71
C GLY B 387 -6.89 2.17 9.79
N GLN B 388 -8.00 1.86 10.46
CA GLN B 388 -8.53 2.71 11.53
C GLN B 388 -7.52 2.96 12.64
N HIS B 389 -6.56 2.06 12.77
CA HIS B 389 -5.53 2.17 13.79
C HIS B 389 -4.21 2.62 13.18
N ALA B 390 -4.17 2.75 11.84
CA ALA B 390 -2.93 3.14 11.16
C ALA B 390 -2.89 4.54 10.56
N PHE B 391 -3.81 4.85 9.64
CA PHE B 391 -3.78 6.16 8.99
C PHE B 391 -5.10 6.96 9.00
N TYR B 392 -6.20 6.36 9.44
CA TYR B 392 -7.49 7.05 9.48
C TYR B 392 -7.39 8.36 10.29
N GLN B 393 -6.40 8.45 11.17
CA GLN B 393 -6.22 9.68 11.96
C GLN B 393 -6.14 10.86 10.98
N LEU B 394 -5.37 10.68 9.92
CA LEU B 394 -5.20 11.74 8.92
C LEU B 394 -6.45 11.96 8.07
N ILE B 395 -7.16 10.89 7.75
CA ILE B 395 -8.37 11.03 6.95
C ILE B 395 -9.41 11.82 7.75
N HIS B 396 -9.48 11.53 9.04
CA HIS B 396 -10.43 12.22 9.91
C HIS B 396 -10.05 13.64 10.32
N GLN B 397 -8.79 13.84 10.72
CA GLN B 397 -8.35 15.15 11.17
C GLN B 397 -7.12 15.74 10.49
N GLY B 398 -6.85 15.31 9.26
CA GLY B 398 -5.70 15.83 8.54
C GLY B 398 -6.11 17.10 7.81
N THR B 399 -5.29 17.52 6.84
CA THR B 399 -5.59 18.72 6.07
C THR B 399 -5.83 18.41 4.59
N LYS B 400 -6.10 17.14 4.29
CA LYS B 400 -6.34 16.67 2.93
C LYS B 400 -7.75 16.10 2.74
N MET B 401 -8.33 16.37 1.57
CA MET B 401 -9.64 15.81 1.25
C MET B 401 -9.30 14.51 0.52
N ILE B 402 -9.80 13.39 1.05
CA ILE B 402 -9.50 12.10 0.46
C ILE B 402 -10.75 11.25 0.19
N PRO B 403 -11.18 11.15 -1.08
CA PRO B 403 -12.36 10.35 -1.40
C PRO B 403 -12.04 8.91 -1.01
N CYS B 404 -12.98 8.24 -0.35
CA CYS B 404 -12.75 6.86 0.06
C CYS B 404 -13.84 5.90 -0.40
N ASP B 405 -13.41 4.73 -0.86
CA ASP B 405 -14.30 3.68 -1.27
C ASP B 405 -14.22 2.58 -0.20
N PHE B 406 -15.32 2.41 0.52
CA PHE B 406 -15.41 1.40 1.57
C PHE B 406 -16.15 0.20 0.98
N LEU B 407 -15.55 -0.98 1.07
CA LEU B 407 -16.17 -2.18 0.53
C LEU B 407 -16.27 -3.26 1.60
N ILE B 408 -17.32 -4.07 1.54
CA ILE B 408 -17.50 -5.14 2.50
C ILE B 408 -18.61 -6.10 2.09
N PRO B 409 -18.41 -7.41 2.36
CA PRO B 409 -19.43 -8.40 2.03
C PRO B 409 -20.32 -8.62 3.24
N VAL B 410 -21.62 -8.73 3.03
CA VAL B 410 -22.54 -8.95 4.14
C VAL B 410 -22.24 -10.28 4.83
N GLN B 411 -22.03 -11.33 4.03
CA GLN B 411 -21.74 -12.65 4.57
C GLN B 411 -20.24 -12.96 4.55
N THR B 412 -19.74 -13.45 5.69
CA THR B 412 -18.32 -13.78 5.80
C THR B 412 -18.07 -15.25 5.46
N GLN B 413 -16.85 -15.55 5.03
CA GLN B 413 -16.48 -16.92 4.69
C GLN B 413 -16.17 -17.69 5.97
N HIS B 414 -16.02 -16.96 7.08
CA HIS B 414 -15.69 -17.57 8.35
C HIS B 414 -16.51 -16.99 9.50
N PRO B 415 -17.78 -17.40 9.63
CA PRO B 415 -18.68 -16.92 10.69
C PRO B 415 -18.38 -17.55 12.05
N ILE B 416 -17.15 -17.41 12.51
CA ILE B 416 -16.73 -17.94 13.80
C ILE B 416 -17.41 -17.17 14.93
N ARG B 417 -17.40 -17.75 16.13
CA ARG B 417 -18.00 -17.11 17.30
C ARG B 417 -19.45 -16.73 16.99
N LYS B 418 -20.11 -17.55 16.17
CA LYS B 418 -21.49 -17.30 15.78
C LYS B 418 -21.68 -15.91 15.15
N GLY B 419 -20.72 -15.51 14.30
CA GLY B 419 -20.81 -14.22 13.64
C GLY B 419 -20.35 -12.99 14.40
N LEU B 420 -19.82 -13.19 15.61
CA LEU B 420 -19.36 -12.07 16.43
C LEU B 420 -18.31 -11.19 15.77
N HIS B 421 -17.31 -11.81 15.16
CA HIS B 421 -16.25 -11.05 14.50
C HIS B 421 -16.78 -10.22 13.36
N HIS B 422 -17.62 -10.82 12.51
CA HIS B 422 -18.16 -10.11 11.37
C HIS B 422 -19.13 -9.01 11.80
N LYS B 423 -19.83 -9.24 12.91
CA LYS B 423 -20.77 -8.24 13.42
C LYS B 423 -19.99 -6.97 13.74
N ILE B 424 -18.87 -7.14 14.42
CA ILE B 424 -18.02 -6.03 14.80
C ILE B 424 -17.40 -5.37 13.57
N LEU B 425 -17.00 -6.18 12.60
CA LEU B 425 -16.38 -5.67 11.38
C LEU B 425 -17.40 -4.78 10.63
N LEU B 426 -18.64 -5.26 10.55
CA LEU B 426 -19.71 -4.52 9.88
C LEU B 426 -20.00 -3.21 10.63
N ALA B 427 -20.01 -3.28 11.96
CA ALA B 427 -20.28 -2.11 12.77
C ALA B 427 -19.26 -1.00 12.50
N ASN B 428 -18.00 -1.38 12.33
CA ASN B 428 -16.93 -0.42 12.07
C ASN B 428 -17.03 0.13 10.65
N PHE B 429 -17.30 -0.75 9.69
CA PHE B 429 -17.45 -0.35 8.30
C PHE B 429 -18.47 0.79 8.22
N LEU B 430 -19.60 0.59 8.90
CA LEU B 430 -20.68 1.56 8.93
C LEU B 430 -20.35 2.83 9.71
N ALA B 431 -19.81 2.66 10.90
CA ALA B 431 -19.47 3.77 11.78
C ALA B 431 -18.43 4.73 11.19
N GLN B 432 -17.42 4.19 10.51
CA GLN B 432 -16.38 5.04 9.92
C GLN B 432 -16.90 6.05 8.89
N THR B 433 -17.74 5.60 7.95
CA THR B 433 -18.27 6.52 6.95
C THR B 433 -19.24 7.49 7.62
N GLU B 434 -19.99 7.01 8.60
CA GLU B 434 -20.92 7.87 9.32
C GLU B 434 -20.11 8.96 10.01
N ALA B 435 -19.01 8.57 10.64
CA ALA B 435 -18.14 9.51 11.34
C ALA B 435 -17.52 10.53 10.40
N LEU B 436 -17.01 10.07 9.26
CA LEU B 436 -16.41 10.96 8.27
C LEU B 436 -17.42 11.99 7.79
N MET B 437 -18.68 11.56 7.69
CA MET B 437 -19.74 12.45 7.22
C MET B 437 -20.21 13.42 8.30
N LYS B 438 -20.60 12.85 9.45
CA LYS B 438 -21.14 13.59 10.58
C LYS B 438 -20.15 14.48 11.34
N GLY B 439 -19.00 13.92 11.69
CA GLY B 439 -18.02 14.69 12.44
C GLY B 439 -18.54 14.90 13.85
N LYS B 440 -17.94 15.86 14.56
CA LYS B 440 -18.35 16.19 15.93
C LYS B 440 -17.98 17.65 16.19
N SER B 441 -19.00 18.49 16.35
CA SER B 441 -18.80 19.92 16.59
C SER B 441 -18.19 20.25 17.93
N THR B 442 -17.77 21.50 18.05
CA THR B 442 -17.17 22.02 19.28
C THR B 442 -18.15 21.83 20.44
N GLU B 443 -19.40 22.22 20.23
CA GLU B 443 -20.43 22.10 21.26
C GLU B 443 -20.69 20.65 21.64
N GLU B 444 -20.68 19.76 20.65
CA GLU B 444 -20.90 18.35 20.92
C GLU B 444 -19.73 17.83 21.76
N ALA B 445 -18.52 18.20 21.36
CA ALA B 445 -17.33 17.78 22.08
C ALA B 445 -17.32 18.32 23.51
N ARG B 446 -17.65 19.60 23.67
CA ARG B 446 -17.68 20.23 24.98
C ARG B 446 -18.61 19.49 25.92
N LYS B 447 -19.83 19.22 25.45
CA LYS B 447 -20.81 18.51 26.28
C LYS B 447 -20.25 17.18 26.77
N GLU B 448 -19.52 16.48 25.90
CA GLU B 448 -18.94 15.20 26.29
C GLU B 448 -17.85 15.37 27.35
N LEU B 449 -17.02 16.39 27.17
CA LEU B 449 -15.95 16.66 28.13
C LEU B 449 -16.51 17.05 29.50
N GLN B 450 -17.58 17.83 29.49
CA GLN B 450 -18.22 18.25 30.73
C GLN B 450 -18.80 17.03 31.45
N ALA B 451 -19.45 16.16 30.68
CA ALA B 451 -20.05 14.95 31.23
C ALA B 451 -18.99 13.98 31.74
N ALA B 452 -17.80 14.05 31.15
CA ALA B 452 -16.71 13.16 31.55
C ALA B 452 -16.05 13.62 32.85
N GLY B 453 -16.52 14.73 33.39
CA GLY B 453 -15.97 15.25 34.63
C GLY B 453 -14.66 15.99 34.50
N LYS B 454 -14.35 16.49 33.31
CA LYS B 454 -13.12 17.24 33.08
C LYS B 454 -13.17 18.60 33.77
N SER B 455 -12.01 19.06 34.24
CA SER B 455 -11.94 20.36 34.90
C SER B 455 -11.96 21.42 33.80
N PRO B 456 -12.21 22.69 34.16
CA PRO B 456 -12.24 23.73 33.13
C PRO B 456 -10.94 23.83 32.32
N GLU B 457 -9.80 23.77 33.00
CA GLU B 457 -8.52 23.86 32.31
C GLU B 457 -8.14 22.62 31.52
N ASP B 458 -8.64 21.47 31.87
CA ASP B 458 -8.33 20.28 31.05
C ASP B 458 -9.26 20.22 29.85
N LEU B 459 -10.49 20.65 30.09
CA LEU B 459 -11.52 20.69 29.05
C LEU B 459 -11.09 21.64 27.92
N MET B 460 -10.55 22.77 28.35
CA MET B 460 -10.14 23.85 27.42
C MET B 460 -8.92 23.49 26.58
N LYS B 461 -7.98 22.71 27.12
CA LYS B 461 -6.81 22.37 26.32
C LYS B 461 -7.11 21.23 25.37
N LEU B 462 -8.05 20.37 25.77
CA LEU B 462 -8.42 19.21 24.96
C LEU B 462 -9.50 19.48 23.92
N LEU B 463 -10.46 20.32 24.27
CA LEU B 463 -11.59 20.61 23.39
C LEU B 463 -11.31 20.65 21.89
N PRO B 464 -10.42 21.56 21.44
CA PRO B 464 -10.09 21.69 20.02
C PRO B 464 -9.69 20.38 19.34
N HIS B 465 -8.82 19.64 20.01
CA HIS B 465 -8.31 18.36 19.50
C HIS B 465 -9.38 17.27 19.37
N LYS B 466 -10.49 17.43 20.08
CA LYS B 466 -11.57 16.44 20.03
C LYS B 466 -12.67 16.76 19.02
N VAL B 467 -12.50 17.85 18.28
CA VAL B 467 -13.48 18.25 17.27
C VAL B 467 -13.21 17.62 15.91
N PHE B 468 -14.26 17.07 15.31
CA PHE B 468 -14.17 16.45 13.99
C PHE B 468 -15.01 17.32 13.04
N GLU B 469 -14.35 17.96 12.09
CA GLU B 469 -15.06 18.83 11.16
C GLU B 469 -15.95 18.04 10.19
N GLY B 470 -15.67 16.74 10.07
CA GLY B 470 -16.45 15.89 9.20
C GLY B 470 -16.48 16.37 7.76
N ASN B 471 -17.62 16.20 7.10
CA ASN B 471 -17.82 16.60 5.72
C ASN B 471 -16.81 15.95 4.77
N ARG B 472 -16.39 14.74 5.11
CA ARG B 472 -15.44 13.98 4.29
C ARG B 472 -16.23 12.89 3.56
N PRO B 473 -16.27 12.98 2.22
CA PRO B 473 -16.97 12.07 1.30
C PRO B 473 -16.52 10.61 1.20
N THR B 474 -17.51 9.72 1.09
CA THR B 474 -17.23 8.29 0.95
C THR B 474 -18.27 7.58 0.09
N ASN B 475 -17.88 6.42 -0.44
CA ASN B 475 -18.74 5.55 -1.22
C ASN B 475 -18.75 4.27 -0.40
N SER B 476 -19.92 3.67 -0.21
CA SER B 476 -19.99 2.41 0.50
C SER B 476 -20.49 1.38 -0.51
N ILE B 477 -19.67 0.37 -0.77
CA ILE B 477 -20.04 -0.67 -1.72
C ILE B 477 -20.20 -1.96 -0.91
N VAL B 478 -21.44 -2.39 -0.78
CA VAL B 478 -21.78 -3.58 -0.01
C VAL B 478 -22.33 -4.67 -0.93
N PHE B 479 -21.83 -5.87 -0.76
CA PHE B 479 -22.27 -6.99 -1.58
C PHE B 479 -22.58 -8.19 -0.67
N THR B 480 -23.54 -9.00 -1.10
CA THR B 480 -23.97 -10.16 -0.34
C THR B 480 -22.84 -11.05 0.17
N LYS B 481 -21.92 -11.43 -0.71
CA LYS B 481 -20.81 -12.30 -0.32
C LYS B 481 -19.69 -12.20 -1.36
N LEU B 482 -18.45 -12.35 -0.92
CA LEU B 482 -17.32 -12.28 -1.83
C LEU B 482 -17.04 -13.62 -2.50
N THR B 483 -17.82 -13.92 -3.53
CA THR B 483 -17.70 -15.17 -4.29
C THR B 483 -16.91 -14.91 -5.57
N PRO B 484 -16.58 -15.99 -6.32
CA PRO B 484 -15.83 -15.79 -7.56
C PRO B 484 -16.57 -14.86 -8.52
N PHE B 485 -17.87 -15.08 -8.65
CA PHE B 485 -18.71 -14.26 -9.51
C PHE B 485 -18.71 -12.80 -9.08
N ILE B 486 -19.01 -12.56 -7.80
CA ILE B 486 -19.04 -11.17 -7.29
C ILE B 486 -17.70 -10.47 -7.42
N LEU B 487 -16.61 -11.17 -7.11
CA LEU B 487 -15.29 -10.57 -7.22
C LEU B 487 -15.07 -10.15 -8.68
N GLY B 488 -15.50 -11.01 -9.61
CA GLY B 488 -15.36 -10.71 -11.02
C GLY B 488 -16.14 -9.46 -11.39
N ALA B 489 -17.35 -9.33 -10.86
CA ALA B 489 -18.18 -8.17 -11.14
C ALA B 489 -17.51 -6.92 -10.59
N LEU B 490 -16.98 -7.01 -9.36
CA LEU B 490 -16.31 -5.89 -8.71
C LEU B 490 -15.06 -5.40 -9.46
N ILE B 491 -14.22 -6.33 -9.89
CA ILE B 491 -13.02 -5.95 -10.62
C ILE B 491 -13.41 -5.26 -11.94
N ALA B 492 -14.35 -5.88 -12.66
CA ALA B 492 -14.81 -5.31 -13.93
C ALA B 492 -15.41 -3.92 -13.73
N MET B 493 -16.14 -3.75 -12.63
CA MET B 493 -16.77 -2.47 -12.32
C MET B 493 -15.72 -1.36 -12.30
N TYR B 494 -14.62 -1.59 -11.60
CA TYR B 494 -13.57 -0.60 -11.52
C TYR B 494 -12.81 -0.44 -12.84
N GLU B 495 -12.66 -1.52 -13.59
CA GLU B 495 -11.97 -1.43 -14.89
C GLU B 495 -12.73 -0.40 -15.73
N HIS B 496 -14.06 -0.50 -15.73
CA HIS B 496 -14.86 0.44 -16.50
C HIS B 496 -14.87 1.84 -15.91
N LYS B 497 -14.70 1.95 -14.59
CA LYS B 497 -14.66 3.27 -13.98
C LYS B 497 -13.44 3.96 -14.60
N ILE B 498 -12.33 3.24 -14.62
CA ILE B 498 -11.06 3.72 -15.18
C ILE B 498 -11.24 4.11 -16.64
N PHE B 499 -11.98 3.28 -17.38
CA PHE B 499 -12.25 3.53 -18.80
C PHE B 499 -13.00 4.85 -18.99
N VAL B 500 -14.09 5.00 -18.25
CA VAL B 500 -14.90 6.21 -18.35
C VAL B 500 -14.12 7.49 -18.06
N GLN B 501 -13.33 7.50 -17.00
CA GLN B 501 -12.54 8.69 -16.66
C GLN B 501 -11.55 9.00 -17.79
N GLY B 502 -10.91 7.97 -18.33
CA GLY B 502 -9.97 8.19 -19.42
C GLY B 502 -10.63 8.89 -20.59
N VAL B 503 -11.84 8.44 -20.93
CA VAL B 503 -12.60 9.03 -22.02
C VAL B 503 -12.87 10.51 -21.76
N VAL B 504 -13.33 10.81 -20.56
CA VAL B 504 -13.62 12.19 -20.17
C VAL B 504 -12.36 13.04 -20.30
N TRP B 505 -11.22 12.53 -19.84
CA TRP B 505 -9.97 13.28 -19.93
C TRP B 505 -9.39 13.22 -21.34
N ASP B 506 -9.99 12.40 -22.20
CA ASP B 506 -9.56 12.22 -23.57
C ASP B 506 -8.12 11.69 -23.69
N ILE B 507 -7.73 10.81 -22.79
CA ILE B 507 -6.41 10.22 -22.82
C ILE B 507 -6.53 8.75 -23.21
N ASN B 508 -5.40 8.11 -23.50
CA ASN B 508 -5.41 6.70 -23.87
C ASN B 508 -5.09 5.87 -22.63
N SER B 509 -6.12 5.34 -22.00
CA SER B 509 -5.96 4.54 -20.78
C SER B 509 -5.31 3.18 -21.02
N PHE B 510 -4.99 2.86 -22.27
CA PHE B 510 -4.45 1.54 -22.55
C PHE B 510 -3.03 1.40 -23.10
N ASP B 511 -2.25 2.43 -23.04
CA ASP B 511 -0.84 2.30 -23.43
C ASP B 511 -0.02 2.56 -22.16
N GLN B 512 1.31 2.50 -22.27
CA GLN B 512 2.16 2.75 -21.11
C GLN B 512 3.58 3.13 -21.54
N TRP B 513 3.68 4.23 -22.26
CA TRP B 513 4.97 4.70 -22.76
C TRP B 513 5.90 5.22 -21.66
N GLY B 514 5.33 5.50 -20.50
CA GLY B 514 6.11 6.02 -19.39
C GLY B 514 7.14 5.08 -18.77
N VAL B 515 7.15 3.82 -19.20
CA VAL B 515 8.09 2.86 -18.64
C VAL B 515 9.38 2.74 -19.44
N GLU B 516 9.36 3.25 -20.68
CA GLU B 516 10.52 3.13 -21.55
C GLU B 516 11.83 3.77 -21.11
N LEU B 517 11.80 5.03 -20.69
CA LEU B 517 13.03 5.71 -20.29
C LEU B 517 13.79 4.96 -19.19
N GLY B 518 13.07 4.55 -18.15
CA GLY B 518 13.71 3.83 -17.05
C GLY B 518 14.39 2.56 -17.51
N LYS B 519 13.74 1.81 -18.40
CA LYS B 519 14.30 0.56 -18.90
C LYS B 519 15.59 0.77 -19.68
N GLN B 520 15.60 1.76 -20.56
CA GLN B 520 16.79 2.01 -21.36
C GLN B 520 17.97 2.51 -20.53
N LEU B 521 17.70 3.35 -19.54
CA LEU B 521 18.79 3.84 -18.69
C LEU B 521 19.35 2.73 -17.83
N ALA B 522 18.53 1.73 -17.51
CA ALA B 522 18.97 0.59 -16.71
C ALA B 522 19.90 -0.31 -17.51
N LYS B 523 19.63 -0.42 -18.81
CA LYS B 523 20.47 -1.23 -19.68
C LYS B 523 21.85 -0.60 -19.83
N LYS B 524 21.92 0.72 -19.72
CA LYS B 524 23.20 1.43 -19.84
C LYS B 524 24.07 1.28 -18.60
N ILE B 525 23.45 1.30 -17.43
CA ILE B 525 24.17 1.19 -16.15
C ILE B 525 24.61 -0.23 -15.82
N GLU B 526 23.79 -1.20 -16.22
CA GLU B 526 24.08 -2.61 -15.95
C GLU B 526 25.55 -3.01 -16.16
N PRO B 527 26.12 -2.79 -17.35
CA PRO B 527 27.52 -3.17 -17.56
C PRO B 527 28.54 -2.28 -16.84
N GLU B 528 28.11 -1.08 -16.45
CA GLU B 528 28.99 -0.15 -15.75
C GLU B 528 29.23 -0.51 -14.29
N LEU B 529 28.39 -1.37 -13.75
CA LEU B 529 28.54 -1.79 -12.36
C LEU B 529 29.63 -2.83 -12.16
N ASP B 530 29.90 -3.60 -13.21
CA ASP B 530 30.90 -4.65 -13.16
C ASP B 530 32.29 -4.22 -12.71
N GLY B 531 32.85 -3.21 -13.37
CA GLY B 531 34.19 -2.76 -13.00
C GLY B 531 34.33 -2.26 -11.57
N SER B 532 35.57 -2.04 -11.17
CA SER B 532 35.87 -1.52 -9.84
C SER B 532 36.17 -0.04 -10.06
N SER B 533 36.42 0.30 -11.31
CA SER B 533 36.73 1.66 -11.71
C SER B 533 35.50 2.54 -11.51
N PRO B 534 35.69 3.77 -11.03
CA PRO B 534 34.55 4.67 -10.82
C PRO B 534 33.92 5.08 -12.15
N VAL B 535 32.64 5.42 -12.11
CA VAL B 535 31.92 5.83 -13.31
C VAL B 535 31.75 7.36 -13.29
N THR B 536 31.93 7.98 -14.44
CA THR B 536 31.82 9.43 -14.55
C THR B 536 30.98 9.87 -15.75
N SER B 537 30.31 8.93 -16.40
CA SER B 537 29.50 9.24 -17.59
C SER B 537 28.09 9.76 -17.36
N HIS B 538 27.64 9.83 -16.11
CA HIS B 538 26.29 10.31 -15.81
C HIS B 538 26.34 11.64 -15.05
N ASP B 539 25.19 12.04 -14.52
CA ASP B 539 25.12 13.27 -13.72
C ASP B 539 25.92 12.92 -12.46
N SER B 540 26.35 13.93 -11.70
CA SER B 540 27.16 13.66 -10.51
C SER B 540 26.47 12.77 -9.47
N SER B 541 25.14 12.82 -9.41
CA SER B 541 24.40 12.01 -8.44
C SER B 541 24.47 10.54 -8.84
N THR B 542 24.09 10.25 -10.08
CA THR B 542 24.13 8.88 -10.56
C THR B 542 25.55 8.34 -10.39
N ASN B 543 26.53 9.17 -10.73
CA ASN B 543 27.94 8.78 -10.59
C ASN B 543 28.28 8.46 -9.14
N GLY B 544 27.93 9.37 -8.24
CA GLY B 544 28.21 9.19 -6.82
C GLY B 544 27.57 7.96 -6.22
N LEU B 545 26.32 7.71 -6.56
CA LEU B 545 25.62 6.55 -6.05
C LEU B 545 26.34 5.29 -6.52
N ILE B 546 26.66 5.23 -7.81
CA ILE B 546 27.35 4.07 -8.37
C ILE B 546 28.68 3.83 -7.68
N ASN B 547 29.46 4.88 -7.48
CA ASN B 547 30.75 4.72 -6.86
C ASN B 547 30.66 4.30 -5.39
N PHE B 548 29.61 4.75 -4.70
CA PHE B 548 29.40 4.35 -3.31
C PHE B 548 29.18 2.85 -3.29
N ILE B 549 28.35 2.39 -4.22
CA ILE B 549 28.02 0.98 -4.36
C ILE B 549 29.27 0.13 -4.61
N LYS B 550 30.14 0.58 -5.49
CA LYS B 550 31.37 -0.15 -5.79
C LYS B 550 32.30 -0.20 -4.59
N GLN B 551 32.30 0.87 -3.81
CA GLN B 551 33.15 0.94 -2.61
C GLN B 551 32.61 0.02 -1.51
N GLN B 552 31.32 0.10 -1.27
CA GLN B 552 30.66 -0.68 -0.22
C GLN B 552 30.39 -2.12 -0.58
N ARG B 553 30.56 -2.45 -1.85
CA ARG B 553 30.35 -3.81 -2.35
C ARG B 553 31.33 -4.76 -1.67
N GLU B 554 32.54 -4.29 -1.45
CA GLU B 554 33.60 -5.09 -0.83
C GLU B 554 33.62 -4.99 0.70
N ALA B 555 32.94 -3.98 1.24
CA ALA B 555 32.90 -3.76 2.68
C ALA B 555 32.42 -4.98 3.47
N LYS B 556 33.21 -5.37 4.47
CA LYS B 556 32.89 -6.50 5.31
C LYS B 556 32.22 -5.92 6.57
N ILE B 557 31.16 -6.55 7.07
CA ILE B 557 30.41 -5.85 8.12
C ILE B 557 30.64 -6.18 9.60
#